data_8JQQ
#
_entry.id   8JQQ
#
_cell.length_a   66.961
_cell.length_b   87.816
_cell.length_c   128.617
_cell.angle_alpha   90.000
_cell.angle_beta   90.000
_cell.angle_gamma   90.000
#
_symmetry.space_group_name_H-M   'P 21 21 21'
#
loop_
_entity.id
_entity.type
_entity.pdbx_description
1 polymer '4-hydroxybenzoate 3-monooxygenase (NAD(P)H)'
2 non-polymer 'FLAVIN-ADENINE DINUCLEOTIDE'
3 non-polymer 'CALCIUM ION'
4 water water
#
_entity_poly.entity_id   1
_entity_poly.type   'polypeptide(L)'
_entity_poly.pdbx_seq_one_letter_code
;MQLSHHHHHHSSGLVPRGSHMRTQVGIVGAGPAGLMLAHLLRREGIDAVVIERAAREHVRTRLRAGVLEQGTVEMLREAG
VGGRIDAVGMEMHAIDFRFGGRSHRLDFHEASGGRRAWVYPQHEVVTDLMSACDAGDVPILYEAPVERIEGLEDDRARIV
FGQDGAAGEITCDFVAGCDGFRGVSRGSMPAGIARGYDRIYPFGWLGILADAPPASPDVTWGCSDRGFAMMSMRSPTVTR
LYLQCEPDEDPDAWSDDRIWSELHRRLDVEGMPSLREGPIRDKGVTAMRSFLSEPMQHGRLFLAGDAAHIVPPTGAKGLN
SAMADIKVLAAALVDHYRHGRSDRLATYSERCLRRMWLVQRFSAALTTMVHQFPGQNEFVRRLQRADLDYMTGTHAGRLQ
FAENFTGLPIE
;
_entity_poly.pdbx_strand_id   A,B
#
# COMPACT_ATOMS: atom_id res chain seq x y z
N MET A 21 27.25 -38.25 -15.34
CA MET A 21 28.12 -37.57 -14.38
C MET A 21 28.70 -36.29 -14.96
N ARG A 22 28.60 -36.16 -16.29
CA ARG A 22 29.00 -34.95 -17.00
C ARG A 22 27.82 -34.45 -17.81
N THR A 23 27.46 -33.18 -17.62
CA THR A 23 26.32 -32.61 -18.33
C THR A 23 26.56 -31.11 -18.49
N GLN A 24 25.64 -30.46 -19.19
CA GLN A 24 25.74 -29.01 -19.37
C GLN A 24 25.13 -28.25 -18.20
N VAL A 25 23.91 -28.62 -17.79
CA VAL A 25 23.20 -27.94 -16.71
C VAL A 25 22.83 -28.97 -15.67
N GLY A 26 23.41 -28.84 -14.49
CA GLY A 26 22.99 -29.64 -13.35
C GLY A 26 21.88 -28.96 -12.59
N ILE A 27 20.74 -29.65 -12.44
CA ILE A 27 19.54 -29.07 -11.85
C ILE A 27 19.28 -29.75 -10.51
N VAL A 28 19.35 -28.97 -9.44
CA VAL A 28 19.11 -29.48 -8.10
C VAL A 28 17.64 -29.26 -7.75
N GLY A 29 16.91 -30.34 -7.55
CA GLY A 29 15.51 -30.26 -7.20
C GLY A 29 14.59 -30.59 -8.36
N ALA A 30 13.70 -31.56 -8.15
CA ALA A 30 12.73 -31.98 -9.17
C ALA A 30 11.34 -31.45 -8.86
N GLY A 31 11.25 -30.25 -8.30
CA GLY A 31 9.97 -29.59 -8.15
C GLY A 31 9.53 -28.99 -9.47
N PRO A 32 8.54 -28.10 -9.43
CA PRO A 32 8.07 -27.49 -10.68
C PRO A 32 9.15 -26.71 -11.42
N ALA A 33 9.96 -25.94 -10.70
CA ALA A 33 10.99 -25.13 -11.35
C ALA A 33 12.03 -26.01 -12.04
N GLY A 34 12.52 -27.02 -11.34
CA GLY A 34 13.56 -27.87 -11.91
C GLY A 34 13.08 -28.68 -13.08
N LEU A 35 11.87 -29.23 -13.00
CA LEU A 35 11.35 -30.03 -14.09
C LEU A 35 11.07 -29.19 -15.32
N MET A 36 10.51 -27.99 -15.14
CA MET A 36 10.25 -27.10 -16.26
C MET A 36 11.54 -26.73 -16.97
N LEU A 37 12.60 -26.43 -16.21
CA LEU A 37 13.87 -26.07 -16.81
C LEU A 37 14.45 -27.24 -17.61
N ALA A 38 14.45 -28.44 -17.02
CA ALA A 38 14.95 -29.61 -17.73
C ALA A 38 14.15 -29.87 -18.99
N HIS A 39 12.83 -29.68 -18.93
CA HIS A 39 12.00 -29.85 -20.13
C HIS A 39 12.35 -28.82 -21.20
N LEU A 40 12.51 -27.56 -20.81
CA LEU A 40 12.85 -26.52 -21.77
C LEU A 40 14.25 -26.76 -22.36
N LEU A 41 15.20 -27.16 -21.52
CA LEU A 41 16.55 -27.41 -22.04
C LEU A 41 16.59 -28.63 -22.95
N ARG A 42 15.77 -29.65 -22.67
CA ARG A 42 15.75 -30.84 -23.52
C ARG A 42 15.25 -30.50 -24.92
N ARG A 43 14.16 -29.73 -25.00
CA ARG A 43 13.61 -29.36 -26.31
C ARG A 43 14.54 -28.43 -27.08
N GLU A 44 15.48 -27.78 -26.40
CA GLU A 44 16.51 -26.98 -27.06
C GLU A 44 17.78 -27.78 -27.31
N GLY A 45 17.79 -29.07 -27.00
CA GLY A 45 18.96 -29.90 -27.19
C GLY A 45 20.06 -29.73 -26.16
N ILE A 46 19.82 -28.93 -25.12
CA ILE A 46 20.81 -28.71 -24.07
C ILE A 46 20.65 -29.81 -23.03
N ASP A 47 21.75 -30.49 -22.72
CA ASP A 47 21.72 -31.64 -21.82
C ASP A 47 21.60 -31.19 -20.38
N ALA A 48 20.84 -31.94 -19.59
CA ALA A 48 20.62 -31.59 -18.19
C ALA A 48 20.34 -32.85 -17.39
N VAL A 49 20.79 -32.84 -16.14
CA VAL A 49 20.51 -33.91 -15.19
C VAL A 49 19.86 -33.28 -13.96
N VAL A 50 18.73 -33.85 -13.53
CA VAL A 50 18.01 -33.39 -12.35
C VAL A 50 18.35 -34.31 -11.19
N ILE A 51 18.67 -33.72 -10.04
CA ILE A 51 19.01 -34.46 -8.83
C ILE A 51 18.01 -34.06 -7.75
N GLU A 52 17.22 -35.03 -7.30
CA GLU A 52 16.13 -34.80 -6.35
C GLU A 52 16.40 -35.57 -5.06
N ARG A 53 16.08 -34.94 -3.92
CA ARG A 53 16.34 -35.55 -2.63
C ARG A 53 15.25 -36.56 -2.25
N ALA A 54 14.03 -36.39 -2.74
CA ALA A 54 12.91 -37.23 -2.35
C ALA A 54 12.63 -38.29 -3.41
N ALA A 55 11.79 -39.24 -3.04
CA ALA A 55 11.39 -40.29 -3.97
C ALA A 55 10.49 -39.72 -5.05
N ARG A 56 10.47 -40.40 -6.20
CA ARG A 56 9.66 -39.95 -7.32
C ARG A 56 8.18 -39.95 -6.97
N GLU A 57 7.72 -40.98 -6.26
CA GLU A 57 6.31 -41.04 -5.89
C GLU A 57 5.97 -39.97 -4.86
N HIS A 58 6.96 -39.52 -4.08
CA HIS A 58 6.70 -38.47 -3.10
C HIS A 58 6.54 -37.11 -3.77
N VAL A 59 7.34 -36.84 -4.80
CA VAL A 59 7.26 -35.55 -5.49
C VAL A 59 5.92 -35.42 -6.23
N ARG A 60 5.49 -36.49 -6.91
CA ARG A 60 4.23 -36.44 -7.64
C ARG A 60 3.04 -36.34 -6.70
N THR A 61 3.01 -37.18 -5.67
CA THR A 61 1.89 -37.23 -4.74
C THR A 61 1.93 -36.11 -3.69
N ARG A 62 2.75 -35.09 -3.88
CA ARG A 62 2.74 -33.92 -2.99
C ARG A 62 1.66 -32.97 -3.50
N LEU A 63 0.47 -33.10 -2.92
CA LEU A 63 -0.68 -32.32 -3.39
C LEU A 63 -0.58 -30.87 -2.91
N ARG A 64 -1.01 -29.96 -3.77
CA ARG A 64 -1.06 -28.54 -3.43
C ARG A 64 -1.96 -27.84 -4.43
N ALA A 65 -2.72 -26.85 -3.94
CA ALA A 65 -3.58 -26.07 -4.82
C ALA A 65 -2.75 -25.33 -5.86
N GLY A 66 -3.44 -24.82 -6.87
CA GLY A 66 -2.74 -24.14 -7.94
C GLY A 66 -3.55 -23.10 -8.68
N VAL A 67 -3.16 -21.84 -8.54
CA VAL A 67 -3.71 -20.75 -9.34
C VAL A 67 -2.57 -20.24 -10.22
N LEU A 68 -2.72 -20.41 -11.53
CA LEU A 68 -1.66 -20.10 -12.48
C LEU A 68 -1.94 -18.79 -13.18
N GLU A 69 -0.93 -17.93 -13.27
CA GLU A 69 -1.03 -16.71 -14.05
C GLU A 69 -1.09 -17.06 -15.54
N GLN A 70 -1.64 -16.13 -16.32
CA GLN A 70 -1.77 -16.36 -17.76
C GLN A 70 -0.41 -16.58 -18.41
N GLY A 71 0.60 -15.81 -17.99
CA GLY A 71 1.93 -16.01 -18.53
C GLY A 71 2.46 -17.41 -18.27
N THR A 72 2.14 -17.96 -17.10
CA THR A 72 2.56 -19.33 -16.79
C THR A 72 1.85 -20.33 -17.69
N VAL A 73 0.55 -20.12 -17.95
CA VAL A 73 -0.19 -21.04 -18.81
C VAL A 73 0.35 -20.97 -20.24
N GLU A 74 0.60 -19.75 -20.74
CA GLU A 74 1.17 -19.60 -22.08
C GLU A 74 2.56 -20.25 -22.15
N MET A 75 3.33 -20.17 -21.07
CA MET A 75 4.65 -20.80 -21.04
C MET A 75 4.53 -22.32 -21.15
N LEU A 76 3.58 -22.91 -20.42
CA LEU A 76 3.36 -24.35 -20.52
C LEU A 76 2.82 -24.75 -21.89
N ARG A 77 1.91 -23.93 -22.45
CA ARG A 77 1.40 -24.20 -23.78
C ARG A 77 2.52 -24.26 -24.81
N GLU A 78 3.36 -23.22 -24.84
CA GLU A 78 4.38 -23.10 -25.88
C GLU A 78 5.48 -24.14 -25.74
N ALA A 79 5.61 -24.77 -24.56
CA ALA A 79 6.57 -25.83 -24.34
C ALA A 79 6.00 -27.22 -24.62
N GLY A 80 4.81 -27.29 -25.21
CA GLY A 80 4.20 -28.56 -25.51
C GLY A 80 3.64 -29.32 -24.32
N VAL A 81 3.51 -28.65 -23.17
CA VAL A 81 3.03 -29.32 -21.96
C VAL A 81 1.80 -28.61 -21.44
N GLY A 82 1.05 -27.95 -22.34
CA GLY A 82 -0.18 -27.29 -21.99
C GLY A 82 -1.44 -27.98 -22.45
N GLY A 83 -1.36 -29.18 -23.00
CA GLY A 83 -2.55 -29.84 -23.53
C GLY A 83 -3.57 -30.14 -22.45
N ARG A 84 -3.12 -30.62 -21.28
CA ARG A 84 -4.06 -30.98 -20.23
C ARG A 84 -4.65 -29.77 -19.54
N ILE A 85 -3.88 -28.69 -19.39
CA ILE A 85 -4.45 -27.50 -18.75
C ILE A 85 -5.42 -26.81 -19.70
N ASP A 86 -5.16 -26.87 -21.01
CA ASP A 86 -6.13 -26.36 -21.97
C ASP A 86 -7.37 -27.24 -22.04
N ALA A 87 -7.30 -28.47 -21.52
CA ALA A 87 -8.43 -29.39 -21.55
C ALA A 87 -9.33 -29.25 -20.35
N VAL A 88 -8.76 -29.10 -19.15
CA VAL A 88 -9.54 -29.08 -17.91
C VAL A 88 -9.16 -27.94 -16.99
N GLY A 89 -8.19 -27.11 -17.36
CA GLY A 89 -7.87 -25.95 -16.55
C GLY A 89 -9.06 -25.03 -16.40
N MET A 90 -9.42 -24.69 -15.17
CA MET A 90 -10.62 -23.91 -14.90
C MET A 90 -10.28 -22.42 -14.97
N GLU A 91 -10.73 -21.78 -16.04
CA GLU A 91 -10.50 -20.35 -16.22
C GLU A 91 -11.12 -19.56 -15.06
N MET A 92 -10.36 -18.60 -14.54
CA MET A 92 -10.74 -17.85 -13.35
C MET A 92 -10.77 -16.37 -13.67
N HIS A 93 -11.90 -15.72 -13.38
CA HIS A 93 -12.11 -14.33 -13.77
C HIS A 93 -12.29 -13.37 -12.61
N ALA A 94 -12.64 -13.84 -11.41
CA ALA A 94 -13.01 -12.92 -10.34
C ALA A 94 -12.67 -13.52 -8.99
N ILE A 95 -12.49 -12.63 -8.02
CA ILE A 95 -12.41 -12.98 -6.61
C ILE A 95 -13.50 -12.23 -5.87
N ASP A 96 -14.20 -12.94 -4.99
CA ASP A 96 -15.21 -12.33 -4.12
C ASP A 96 -14.53 -11.91 -2.83
N PHE A 97 -14.28 -10.60 -2.69
CA PHE A 97 -13.73 -10.03 -1.46
C PHE A 97 -14.89 -9.69 -0.53
N ARG A 98 -15.04 -10.45 0.54
CA ARG A 98 -16.14 -10.25 1.48
C ARG A 98 -15.64 -9.49 2.70
N PHE A 99 -16.23 -8.33 2.95
CA PHE A 99 -15.93 -7.52 4.11
C PHE A 99 -17.10 -6.56 4.32
N GLY A 100 -17.20 -6.04 5.54
CA GLY A 100 -18.31 -5.17 5.89
C GLY A 100 -19.68 -5.82 5.70
N GLY A 101 -19.74 -7.14 5.80
CA GLY A 101 -21.00 -7.84 5.66
C GLY A 101 -21.54 -7.93 4.26
N ARG A 102 -20.71 -7.68 3.23
CA ARG A 102 -21.17 -7.69 1.85
C ARG A 102 -20.13 -8.34 0.96
N SER A 103 -20.59 -8.72 -0.24
CA SER A 103 -19.70 -9.24 -1.27
C SER A 103 -19.16 -8.09 -2.12
N HIS A 104 -17.94 -8.29 -2.63
CA HIS A 104 -17.30 -7.35 -3.54
C HIS A 104 -16.57 -8.19 -4.60
N ARG A 105 -17.31 -8.59 -5.63
CA ARG A 105 -16.75 -9.42 -6.69
C ARG A 105 -15.89 -8.56 -7.60
N LEU A 106 -14.58 -8.71 -7.51
CA LEU A 106 -13.65 -7.96 -8.35
C LEU A 106 -13.36 -8.80 -9.59
N ASP A 107 -13.87 -8.37 -10.73
CA ASP A 107 -13.66 -9.05 -12.00
C ASP A 107 -12.34 -8.57 -12.58
N PHE A 108 -11.26 -9.30 -12.26
CA PHE A 108 -9.95 -8.92 -12.77
C PHE A 108 -9.77 -9.28 -14.23
N HIS A 109 -10.61 -10.17 -14.77
CA HIS A 109 -10.62 -10.40 -16.20
C HIS A 109 -11.01 -9.13 -16.96
N GLU A 110 -12.09 -8.48 -16.52
CA GLU A 110 -12.47 -7.21 -17.12
C GLU A 110 -11.48 -6.11 -16.78
N ALA A 111 -11.02 -6.05 -15.52
CA ALA A 111 -10.20 -4.93 -15.09
C ALA A 111 -8.82 -4.95 -15.73
N SER A 112 -8.32 -6.12 -16.12
CA SER A 112 -7.01 -6.23 -16.76
C SER A 112 -7.10 -6.19 -18.28
N GLY A 113 -8.27 -5.96 -18.84
CA GLY A 113 -8.41 -5.87 -20.29
C GLY A 113 -8.35 -7.19 -21.01
N GLY A 114 -8.73 -8.29 -20.35
CA GLY A 114 -8.79 -9.59 -20.99
C GLY A 114 -7.83 -10.63 -20.44
N ARG A 115 -6.99 -10.31 -19.46
CA ARG A 115 -6.10 -11.29 -18.87
C ARG A 115 -6.78 -11.97 -17.69
N ARG A 116 -6.42 -13.22 -17.44
CA ARG A 116 -7.08 -14.01 -16.41
C ARG A 116 -6.10 -15.02 -15.83
N ALA A 117 -6.62 -15.90 -14.98
CA ALA A 117 -5.84 -16.94 -14.33
C ALA A 117 -6.52 -18.28 -14.56
N TRP A 118 -5.85 -19.35 -14.14
CA TRP A 118 -6.36 -20.70 -14.33
C TRP A 118 -6.19 -21.49 -13.04
N VAL A 119 -7.28 -22.11 -12.59
CA VAL A 119 -7.21 -23.03 -11.45
C VAL A 119 -6.73 -24.37 -11.97
N TYR A 120 -5.52 -24.75 -11.58
CA TYR A 120 -4.91 -26.00 -12.02
C TYR A 120 -3.90 -26.42 -10.96
N PRO A 121 -4.15 -27.52 -10.25
CA PRO A 121 -3.34 -27.85 -9.07
C PRO A 121 -1.87 -28.02 -9.42
N GLN A 122 -1.02 -27.66 -8.46
CA GLN A 122 0.42 -27.78 -8.66
C GLN A 122 0.85 -29.23 -8.84
N HIS A 123 0.20 -30.17 -8.15
CA HIS A 123 0.54 -31.57 -8.33
C HIS A 123 0.18 -32.07 -9.73
N GLU A 124 -0.76 -31.41 -10.41
CA GLU A 124 -1.01 -31.73 -11.81
C GLU A 124 0.09 -31.18 -12.70
N VAL A 125 0.62 -30.01 -12.36
CA VAL A 125 1.68 -29.41 -13.17
C VAL A 125 2.94 -30.28 -13.13
N VAL A 126 3.35 -30.68 -11.92
CA VAL A 126 4.54 -31.52 -11.81
C VAL A 126 4.30 -32.86 -12.50
N THR A 127 3.09 -33.41 -12.38
CA THR A 127 2.75 -34.64 -13.09
C THR A 127 2.88 -34.46 -14.59
N ASP A 128 2.38 -33.35 -15.13
CA ASP A 128 2.54 -33.06 -16.54
C ASP A 128 4.02 -32.87 -16.89
N LEU A 129 4.77 -32.17 -16.04
CA LEU A 129 6.18 -31.93 -16.31
C LEU A 129 7.01 -33.20 -16.13
N MET A 130 6.67 -34.01 -15.13
CA MET A 130 7.36 -35.30 -14.97
C MET A 130 7.13 -36.19 -16.19
N SER A 131 5.90 -36.20 -16.71
CA SER A 131 5.61 -36.99 -17.90
C SER A 131 6.41 -36.49 -19.09
N ALA A 132 6.51 -35.17 -19.26
CA ALA A 132 7.26 -34.61 -20.38
C ALA A 132 8.74 -34.93 -20.27
N CYS A 133 9.30 -34.86 -19.06
CA CYS A 133 10.71 -35.19 -18.87
C CYS A 133 10.95 -36.68 -19.07
N ASP A 134 10.04 -37.53 -18.56
CA ASP A 134 10.19 -38.97 -18.75
C ASP A 134 10.06 -39.34 -20.23
N ALA A 135 9.10 -38.75 -20.93
CA ALA A 135 8.96 -39.00 -22.36
C ALA A 135 10.17 -38.48 -23.14
N GLY A 136 10.82 -37.44 -22.64
CA GLY A 136 12.00 -36.87 -23.26
C GLY A 136 13.31 -37.48 -22.81
N ASP A 137 13.26 -38.54 -22.00
CA ASP A 137 14.47 -39.24 -21.53
C ASP A 137 15.39 -38.31 -20.73
N VAL A 138 14.79 -37.42 -19.97
CA VAL A 138 15.55 -36.55 -19.07
C VAL A 138 15.98 -37.35 -17.85
N PRO A 139 17.28 -37.48 -17.58
CA PRO A 139 17.72 -38.22 -16.39
C PRO A 139 17.37 -37.46 -15.12
N ILE A 140 16.63 -38.12 -14.24
CA ILE A 140 16.27 -37.55 -12.94
C ILE A 140 16.65 -38.56 -11.86
N LEU A 141 17.59 -38.17 -11.00
CA LEU A 141 18.01 -39.02 -9.89
C LEU A 141 17.17 -38.68 -8.66
N TYR A 142 16.39 -39.64 -8.19
CA TYR A 142 15.56 -39.47 -7.02
C TYR A 142 16.23 -40.08 -5.79
N GLU A 143 15.72 -39.69 -4.62
CA GLU A 143 16.26 -40.13 -3.33
C GLU A 143 17.77 -39.87 -3.25
N ALA A 144 18.21 -38.77 -3.84
CA ALA A 144 19.62 -38.40 -3.91
C ALA A 144 19.76 -36.96 -3.47
N PRO A 145 19.78 -36.70 -2.16
CA PRO A 145 19.93 -35.33 -1.68
C PRO A 145 21.31 -34.77 -2.01
N VAL A 146 21.32 -33.56 -2.55
CA VAL A 146 22.58 -32.87 -2.81
C VAL A 146 23.16 -32.37 -1.50
N GLU A 147 24.45 -32.64 -1.29
CA GLU A 147 25.13 -32.24 -0.06
C GLU A 147 25.97 -30.97 -0.23
N ARG A 148 26.58 -30.78 -1.41
CA ARG A 148 27.42 -29.62 -1.65
C ARG A 148 27.32 -29.21 -3.11
N ILE A 149 27.51 -27.92 -3.35
CA ILE A 149 27.72 -27.38 -4.69
C ILE A 149 29.00 -26.57 -4.64
N GLU A 150 29.98 -26.97 -5.45
CA GLU A 150 31.30 -26.34 -5.44
C GLU A 150 31.76 -26.08 -6.87
N GLY A 151 32.89 -25.39 -6.99
CA GLY A 151 33.43 -25.06 -8.29
C GLY A 151 32.67 -23.98 -9.03
N LEU A 152 32.05 -23.05 -8.31
CA LEU A 152 31.21 -22.03 -8.94
C LEU A 152 32.02 -21.10 -9.85
N GLU A 153 33.32 -20.97 -9.61
CA GLU A 153 34.19 -20.17 -10.46
C GLU A 153 35.30 -21.03 -11.07
N ASP A 154 35.16 -22.35 -11.02
CA ASP A 154 36.10 -23.27 -11.62
C ASP A 154 35.75 -23.46 -13.11
N ASP A 155 36.53 -24.30 -13.79
CA ASP A 155 36.22 -24.61 -15.18
C ASP A 155 34.84 -25.23 -15.31
N ARG A 156 34.46 -26.08 -14.37
CA ARG A 156 33.13 -26.69 -14.33
C ARG A 156 32.72 -26.81 -12.88
N ALA A 157 31.42 -26.63 -12.62
CA ALA A 157 30.92 -26.76 -11.26
C ALA A 157 30.70 -28.23 -10.91
N ARG A 158 30.68 -28.50 -9.61
CA ARG A 158 30.54 -29.86 -9.10
C ARG A 158 29.35 -29.92 -8.15
N ILE A 159 28.44 -30.86 -8.41
CA ILE A 159 27.28 -31.10 -7.57
C ILE A 159 27.52 -32.39 -6.80
N VAL A 160 27.80 -32.26 -5.51
CA VAL A 160 28.08 -33.42 -4.66
C VAL A 160 26.78 -33.88 -4.01
N PHE A 161 26.50 -35.18 -4.09
CA PHE A 161 25.28 -35.73 -3.56
C PHE A 161 25.54 -37.16 -3.09
N GLY A 162 24.47 -37.80 -2.60
CA GLY A 162 24.53 -39.19 -2.17
C GLY A 162 23.18 -39.85 -2.31
N GLN A 163 23.14 -41.05 -2.89
CA GLN A 163 21.87 -41.70 -3.19
C GLN A 163 21.40 -42.63 -2.07
N ASP A 164 22.27 -43.55 -1.64
CA ASP A 164 21.94 -44.47 -0.55
C ASP A 164 23.26 -44.83 0.15
N GLY A 165 23.82 -43.86 0.87
CA GLY A 165 25.13 -44.02 1.47
C GLY A 165 26.29 -43.93 0.52
N ALA A 166 26.05 -44.02 -0.79
CA ALA A 166 27.08 -43.92 -1.80
C ALA A 166 27.08 -42.51 -2.37
N ALA A 167 28.22 -41.84 -2.32
CA ALA A 167 28.32 -40.46 -2.79
C ALA A 167 28.46 -40.42 -4.30
N GLY A 168 27.89 -39.36 -4.89
CA GLY A 168 28.00 -39.13 -6.31
C GLY A 168 28.39 -37.68 -6.59
N GLU A 169 28.65 -37.40 -7.86
CA GLU A 169 29.03 -36.06 -8.27
C GLU A 169 28.67 -35.84 -9.72
N ILE A 170 27.95 -34.75 -10.00
CA ILE A 170 27.65 -34.31 -11.35
C ILE A 170 28.55 -33.12 -11.67
N THR A 171 29.23 -33.19 -12.81
CA THR A 171 30.04 -32.09 -13.32
C THR A 171 29.24 -31.38 -14.41
N CYS A 172 29.21 -30.05 -14.35
CA CYS A 172 28.34 -29.29 -15.24
C CYS A 172 28.88 -27.88 -15.43
N ASP A 173 28.53 -27.27 -16.55
CA ASP A 173 28.90 -25.88 -16.79
C ASP A 173 28.12 -24.93 -15.89
N PHE A 174 26.87 -25.28 -15.57
CA PHE A 174 26.01 -24.41 -14.80
C PHE A 174 25.20 -25.23 -13.81
N VAL A 175 24.99 -24.69 -12.62
CA VAL A 175 24.14 -25.28 -11.60
C VAL A 175 22.91 -24.40 -11.46
N ALA A 176 21.74 -24.99 -11.69
CA ALA A 176 20.47 -24.32 -11.46
C ALA A 176 19.94 -24.78 -10.12
N GLY A 177 19.89 -23.85 -9.16
CA GLY A 177 19.36 -24.16 -7.85
C GLY A 177 17.84 -24.05 -7.80
N CYS A 178 17.16 -25.19 -7.94
CA CYS A 178 15.70 -25.25 -7.92
C CYS A 178 15.23 -26.15 -6.79
N ASP A 179 15.91 -26.08 -5.63
CA ASP A 179 15.67 -27.01 -4.54
C ASP A 179 14.81 -26.41 -3.43
N GLY A 180 14.06 -25.35 -3.73
CA GLY A 180 13.07 -24.84 -2.80
C GLY A 180 13.69 -24.04 -1.65
N PHE A 181 12.78 -23.57 -0.78
CA PHE A 181 13.21 -22.69 0.31
C PHE A 181 14.11 -23.40 1.31
N ARG A 182 13.97 -24.73 1.44
CA ARG A 182 14.76 -25.50 2.38
C ARG A 182 15.79 -26.38 1.69
N GLY A 183 16.22 -25.97 0.50
CA GLY A 183 17.25 -26.68 -0.23
C GLY A 183 18.65 -26.23 0.16
N VAL A 184 19.62 -26.67 -0.63
CA VAL A 184 21.03 -26.42 -0.32
C VAL A 184 21.65 -25.38 -1.24
N SER A 185 21.01 -25.04 -2.36
CA SER A 185 21.65 -24.18 -3.35
C SER A 185 21.80 -22.74 -2.85
N ARG A 186 20.80 -22.22 -2.13
CA ARG A 186 20.90 -20.86 -1.64
C ARG A 186 22.07 -20.71 -0.67
N GLY A 187 22.25 -21.68 0.23
CA GLY A 187 23.38 -21.66 1.13
C GLY A 187 24.72 -21.90 0.46
N SER A 188 24.73 -22.35 -0.79
CA SER A 188 25.97 -22.54 -1.51
C SER A 188 26.52 -21.25 -2.10
N MET A 189 25.77 -20.15 -1.99
CA MET A 189 26.29 -18.86 -2.42
C MET A 189 27.40 -18.39 -1.49
N PRO A 190 28.35 -17.61 -2.01
CA PRO A 190 29.39 -17.06 -1.13
C PRO A 190 28.80 -16.14 -0.08
N ALA A 191 29.27 -16.30 1.15
CA ALA A 191 28.70 -15.57 2.29
C ALA A 191 28.85 -14.05 2.10
N GLY A 192 29.99 -13.60 1.60
CA GLY A 192 30.21 -12.19 1.38
C GLY A 192 29.41 -11.59 0.25
N ILE A 193 28.66 -12.40 -0.49
CA ILE A 193 27.89 -11.95 -1.63
C ILE A 193 26.40 -11.96 -1.34
N ALA A 194 25.91 -12.98 -0.64
CA ALA A 194 24.48 -13.17 -0.45
C ALA A 194 23.92 -12.21 0.61
N ARG A 195 22.71 -11.73 0.36
CA ARG A 195 22.00 -10.87 1.30
C ARG A 195 20.53 -11.26 1.31
N GLY A 196 19.97 -11.40 2.52
CA GLY A 196 18.59 -11.85 2.69
C GLY A 196 17.69 -10.74 3.19
N TYR A 197 16.43 -10.79 2.77
CA TYR A 197 15.38 -9.89 3.25
C TYR A 197 14.24 -10.77 3.74
N ASP A 198 14.01 -10.76 5.05
CA ASP A 198 13.16 -11.77 5.69
C ASP A 198 12.12 -11.09 6.58
N ARG A 199 10.87 -11.52 6.45
CA ARG A 199 9.80 -11.00 7.29
C ARG A 199 8.78 -12.12 7.49
N ILE A 200 8.64 -12.56 8.74
CA ILE A 200 7.67 -13.60 9.11
C ILE A 200 6.43 -12.93 9.66
N TYR A 201 5.26 -13.33 9.16
CA TYR A 201 4.03 -12.71 9.60
C TYR A 201 3.48 -13.43 10.82
N PRO A 202 2.83 -12.70 11.74
CA PRO A 202 2.43 -13.32 13.00
C PRO A 202 1.16 -14.15 12.89
N PHE A 203 1.05 -14.98 11.85
CA PHE A 203 -0.11 -15.84 11.68
C PHE A 203 0.22 -16.90 10.65
N GLY A 204 -0.58 -17.96 10.64
CA GLY A 204 -0.49 -18.99 9.62
C GLY A 204 -1.85 -19.24 8.99
N TRP A 205 -1.89 -20.22 8.10
CA TRP A 205 -3.11 -20.65 7.45
C TRP A 205 -3.45 -22.06 7.91
N LEU A 206 -4.67 -22.23 8.42
CA LEU A 206 -5.22 -23.56 8.68
C LEU A 206 -6.03 -23.97 7.44
N GLY A 207 -5.53 -24.95 6.70
CA GLY A 207 -6.15 -25.40 5.46
C GLY A 207 -6.85 -26.73 5.66
N ILE A 208 -8.03 -26.87 5.06
CA ILE A 208 -8.80 -28.10 5.10
C ILE A 208 -9.39 -28.37 3.72
N LEU A 209 -9.81 -29.61 3.52
CA LEU A 209 -10.62 -30.00 2.37
C LEU A 209 -11.98 -30.46 2.88
N ALA A 210 -13.03 -29.93 2.29
CA ALA A 210 -14.40 -30.25 2.69
C ALA A 210 -15.09 -31.02 1.58
N ASP A 211 -15.59 -32.20 1.90
CA ASP A 211 -16.32 -33.03 0.94
C ASP A 211 -17.72 -32.43 0.77
N ALA A 212 -17.78 -31.33 0.03
CA ALA A 212 -19.03 -30.65 -0.27
C ALA A 212 -18.81 -29.75 -1.48
N PRO A 213 -19.74 -29.72 -2.43
CA PRO A 213 -19.60 -28.79 -3.56
C PRO A 213 -19.60 -27.36 -3.07
N PRO A 214 -18.77 -26.49 -3.66
CA PRO A 214 -18.68 -25.11 -3.19
C PRO A 214 -20.00 -24.37 -3.32
N ALA A 215 -20.19 -23.39 -2.45
CA ALA A 215 -21.42 -22.60 -2.47
C ALA A 215 -21.48 -21.71 -3.70
N SER A 216 -20.46 -20.87 -3.90
CA SER A 216 -20.37 -20.00 -5.06
C SER A 216 -19.20 -20.43 -5.94
N PRO A 217 -19.27 -20.17 -7.25
CA PRO A 217 -18.17 -20.60 -8.13
C PRO A 217 -16.90 -19.79 -7.97
N ASP A 218 -16.97 -18.58 -7.42
CA ASP A 218 -15.81 -17.71 -7.34
C ASP A 218 -14.94 -18.06 -6.13
N VAL A 219 -13.63 -17.89 -6.32
CA VAL A 219 -12.71 -17.87 -5.19
C VAL A 219 -13.12 -16.73 -4.27
N THR A 220 -13.29 -17.03 -2.99
CA THR A 220 -13.90 -16.11 -2.03
C THR A 220 -12.94 -15.87 -0.87
N TRP A 221 -12.68 -14.60 -0.57
CA TRP A 221 -11.84 -14.21 0.56
C TRP A 221 -12.70 -13.57 1.65
N GLY A 222 -12.57 -14.07 2.87
CA GLY A 222 -13.17 -13.43 4.01
C GLY A 222 -12.18 -12.49 4.67
N CYS A 223 -12.38 -11.19 4.52
CA CYS A 223 -11.42 -10.18 4.96
C CYS A 223 -11.96 -9.31 6.10
N SER A 224 -12.87 -9.85 6.90
CA SER A 224 -13.45 -9.09 8.00
C SER A 224 -12.50 -9.08 9.20
N ASP A 225 -12.91 -8.37 10.25
CA ASP A 225 -12.05 -8.16 11.41
C ASP A 225 -12.02 -9.33 12.39
N ARG A 226 -12.75 -10.41 12.12
CA ARG A 226 -12.64 -11.61 12.94
C ARG A 226 -11.51 -12.53 12.49
N GLY A 227 -10.93 -12.27 11.32
CA GLY A 227 -9.81 -13.06 10.83
C GLY A 227 -9.98 -13.38 9.35
N PHE A 228 -8.88 -13.75 8.72
CA PHE A 228 -8.89 -14.06 7.30
C PHE A 228 -9.43 -15.48 7.06
N ALA A 229 -10.16 -15.63 5.96
CA ALA A 229 -10.64 -16.93 5.53
C ALA A 229 -10.69 -16.94 4.01
N MET A 230 -10.55 -18.12 3.42
CA MET A 230 -10.59 -18.27 1.97
C MET A 230 -11.37 -19.51 1.59
N MET A 231 -12.13 -19.41 0.51
CA MET A 231 -12.94 -20.51 -0.02
C MET A 231 -12.68 -20.61 -1.52
N SER A 232 -12.32 -21.80 -1.98
CA SER A 232 -12.07 -22.02 -3.40
C SER A 232 -12.47 -23.45 -3.75
N MET A 233 -12.53 -23.72 -5.05
CA MET A 233 -12.96 -25.03 -5.56
C MET A 233 -11.73 -25.90 -5.80
N ARG A 234 -11.58 -26.95 -4.99
CA ARG A 234 -10.57 -27.96 -5.24
C ARG A 234 -11.01 -28.91 -6.35
N SER A 235 -12.29 -29.28 -6.34
CA SER A 235 -12.88 -30.14 -7.36
C SER A 235 -14.37 -29.88 -7.36
N PRO A 236 -15.11 -30.41 -8.34
CA PRO A 236 -16.58 -30.20 -8.34
C PRO A 236 -17.27 -30.66 -7.07
N THR A 237 -16.68 -31.57 -6.30
CA THR A 237 -17.29 -32.06 -5.08
C THR A 237 -16.49 -31.75 -3.82
N VAL A 238 -15.37 -31.05 -3.92
CA VAL A 238 -14.51 -30.77 -2.79
C VAL A 238 -14.20 -29.28 -2.75
N THR A 239 -14.33 -28.69 -1.56
CA THR A 239 -14.05 -27.27 -1.36
C THR A 239 -12.75 -27.12 -0.57
N ARG A 240 -11.89 -26.22 -1.02
CA ARG A 240 -10.68 -25.86 -0.29
C ARG A 240 -10.97 -24.63 0.58
N LEU A 241 -10.69 -24.75 1.87
CA LEU A 241 -10.97 -23.70 2.83
C LEU A 241 -9.74 -23.42 3.69
N TYR A 242 -9.45 -22.14 3.90
CA TYR A 242 -8.35 -21.70 4.74
C TYR A 242 -8.87 -20.82 5.86
N LEU A 243 -8.20 -20.89 7.01
CA LEU A 243 -8.48 -20.04 8.16
C LEU A 243 -7.18 -19.46 8.67
N GLN A 244 -7.13 -18.14 8.83
CA GLN A 244 -6.02 -17.52 9.54
C GLN A 244 -5.94 -18.08 10.95
N CYS A 245 -4.73 -18.43 11.38
CA CYS A 245 -4.53 -19.04 12.69
C CYS A 245 -3.22 -18.54 13.28
N GLU A 246 -2.99 -18.91 14.55
CA GLU A 246 -1.71 -18.62 15.18
C GLU A 246 -0.58 -19.28 14.38
N PRO A 247 0.61 -18.67 14.38
CA PRO A 247 1.70 -19.25 13.58
C PRO A 247 2.08 -20.66 13.99
N ASP A 248 2.07 -20.96 15.28
CA ASP A 248 2.40 -22.28 15.80
C ASP A 248 1.17 -23.10 16.14
N GLU A 249 0.10 -22.95 15.36
CA GLU A 249 -1.19 -23.53 15.74
C GLU A 249 -1.19 -25.05 15.55
N ASP A 250 -1.71 -25.75 16.54
CA ASP A 250 -1.92 -27.18 16.46
C ASP A 250 -3.26 -27.45 15.78
N PRO A 251 -3.29 -28.18 14.66
CA PRO A 251 -4.58 -28.47 14.01
C PRO A 251 -5.54 -29.25 14.88
N ASP A 252 -5.05 -29.96 15.89
CA ASP A 252 -5.93 -30.68 16.81
C ASP A 252 -6.76 -29.74 17.68
N ALA A 253 -6.33 -28.49 17.86
CA ALA A 253 -7.11 -27.53 18.62
C ALA A 253 -8.33 -27.03 17.87
N TRP A 254 -8.52 -27.45 16.62
CA TRP A 254 -9.63 -27.00 15.78
C TRP A 254 -10.49 -28.20 15.43
N SER A 255 -11.54 -28.42 16.23
CA SER A 255 -12.53 -29.43 15.89
C SER A 255 -13.29 -29.01 14.63
N ASP A 256 -14.01 -29.97 14.05
CA ASP A 256 -14.86 -29.65 12.90
C ASP A 256 -15.85 -28.54 13.23
N ASP A 257 -16.45 -28.60 14.41
CA ASP A 257 -17.44 -27.59 14.80
C ASP A 257 -16.82 -26.20 14.89
N ARG A 258 -15.63 -26.10 15.51
CA ARG A 258 -14.96 -24.81 15.60
C ARG A 258 -14.59 -24.29 14.21
N ILE A 259 -14.14 -25.18 13.33
CA ILE A 259 -13.75 -24.77 11.98
C ILE A 259 -14.94 -24.19 11.24
N TRP A 260 -16.05 -24.94 11.19
CA TRP A 260 -17.22 -24.45 10.48
C TRP A 260 -17.78 -23.19 11.13
N SER A 261 -17.79 -23.14 12.46
CA SER A 261 -18.24 -21.93 13.15
C SER A 261 -17.42 -20.72 12.72
N GLU A 262 -16.09 -20.84 12.77
CA GLU A 262 -15.24 -19.73 12.40
C GLU A 262 -15.33 -19.44 10.90
N LEU A 263 -15.47 -20.48 10.08
CA LEU A 263 -15.62 -20.28 8.64
C LEU A 263 -16.91 -19.53 8.33
N HIS A 264 -18.00 -19.89 9.01
CA HIS A 264 -19.26 -19.18 8.80
C HIS A 264 -19.13 -17.70 9.18
N ARG A 265 -18.48 -17.41 10.32
CA ARG A 265 -18.39 -16.04 10.78
C ARG A 265 -17.55 -15.17 9.85
N ARG A 266 -16.52 -15.76 9.23
CA ARG A 266 -15.59 -14.98 8.41
C ARG A 266 -16.00 -14.89 6.95
N LEU A 267 -16.91 -15.74 6.48
CA LEU A 267 -17.24 -15.82 5.07
C LEU A 267 -18.70 -15.48 4.77
N ASP A 268 -19.64 -15.92 5.61
CA ASP A 268 -21.05 -15.75 5.29
C ASP A 268 -21.44 -14.27 5.30
N VAL A 269 -22.18 -13.87 4.27
CA VAL A 269 -22.76 -12.53 4.18
C VAL A 269 -24.19 -12.66 3.70
N GLU A 270 -25.01 -11.67 4.05
CA GLU A 270 -26.38 -11.64 3.56
C GLU A 270 -26.39 -11.40 2.05
N GLY A 271 -27.36 -12.02 1.38
CA GLY A 271 -27.44 -11.96 -0.06
C GLY A 271 -26.63 -13.01 -0.79
N MET A 272 -25.88 -13.83 -0.06
CA MET A 272 -25.12 -14.93 -0.62
C MET A 272 -25.47 -16.22 0.11
N PRO A 273 -25.42 -17.36 -0.58
CA PRO A 273 -25.74 -18.63 0.09
C PRO A 273 -24.76 -18.93 1.21
N SER A 274 -25.27 -19.58 2.25
CA SER A 274 -24.45 -19.93 3.39
C SER A 274 -23.42 -21.00 3.01
N LEU A 275 -22.50 -21.26 3.93
CA LEU A 275 -21.38 -22.15 3.65
C LEU A 275 -21.84 -23.61 3.58
N ARG A 276 -21.36 -24.32 2.58
CA ARG A 276 -21.64 -25.74 2.41
C ARG A 276 -20.73 -26.54 3.33
N GLU A 277 -21.31 -27.19 4.34
CA GLU A 277 -20.55 -28.00 5.26
C GLU A 277 -20.44 -29.43 4.75
N GLY A 278 -19.51 -30.18 5.34
CA GLY A 278 -19.30 -31.56 4.99
C GLY A 278 -18.12 -32.14 5.76
N PRO A 279 -17.82 -33.41 5.51
CA PRO A 279 -16.65 -34.03 6.17
C PRO A 279 -15.37 -33.28 5.83
N ILE A 280 -14.55 -33.06 6.86
CA ILE A 280 -13.31 -32.31 6.74
C ILE A 280 -12.16 -33.29 6.59
N ARG A 281 -11.29 -33.04 5.60
CA ARG A 281 -10.12 -33.86 5.36
C ARG A 281 -8.88 -32.98 5.21
N ASP A 282 -7.72 -33.60 5.39
CA ASP A 282 -6.42 -32.99 5.10
C ASP A 282 -6.25 -31.66 5.85
N LYS A 283 -6.37 -31.74 7.16
CA LYS A 283 -6.23 -30.57 8.03
C LYS A 283 -4.75 -30.29 8.27
N GLY A 284 -4.31 -29.08 7.94
CA GLY A 284 -2.90 -28.74 8.08
C GLY A 284 -2.69 -27.25 8.25
N VAL A 285 -1.48 -26.90 8.66
CA VAL A 285 -1.09 -25.52 8.92
C VAL A 285 0.10 -25.19 8.04
N THR A 286 0.05 -24.01 7.40
CA THR A 286 1.14 -23.52 6.57
C THR A 286 1.56 -22.14 7.05
N ALA A 287 2.86 -21.86 6.96
CA ALA A 287 3.41 -20.61 7.46
C ALA A 287 3.17 -19.47 6.46
N MET A 288 3.42 -18.25 6.93
CA MET A 288 3.27 -17.03 6.14
C MET A 288 4.55 -16.23 6.27
N ARG A 289 5.27 -16.05 5.16
CA ARG A 289 6.61 -15.49 5.24
C ARG A 289 7.02 -14.90 3.91
N SER A 290 7.61 -13.70 3.97
CA SER A 290 8.22 -13.06 2.81
C SER A 290 9.73 -13.16 2.94
N PHE A 291 10.38 -13.76 1.94
CA PHE A 291 11.83 -13.87 1.93
C PHE A 291 12.35 -13.71 0.51
N LEU A 292 13.45 -12.98 0.37
CA LEU A 292 14.10 -12.78 -0.91
C LEU A 292 15.60 -12.72 -0.68
N SER A 293 16.35 -13.39 -1.54
CA SER A 293 17.81 -13.46 -1.43
C SER A 293 18.44 -12.81 -2.65
N GLU A 294 19.50 -12.03 -2.43
CA GLU A 294 20.23 -11.34 -3.48
C GLU A 294 21.72 -11.65 -3.38
N PRO A 295 22.39 -11.86 -4.51
CA PRO A 295 21.84 -11.92 -5.87
C PRO A 295 21.29 -13.30 -6.17
N MET A 296 20.67 -13.51 -7.32
CA MET A 296 20.17 -14.82 -7.71
C MET A 296 21.15 -15.60 -8.57
N GLN A 297 22.39 -15.11 -8.71
CA GLN A 297 23.42 -15.84 -9.43
C GLN A 297 24.77 -15.47 -8.87
N HIS A 298 25.71 -16.41 -8.97
CA HIS A 298 27.13 -16.15 -8.71
C HIS A 298 27.94 -17.19 -9.46
N GLY A 299 28.77 -16.75 -10.39
CA GLY A 299 29.55 -17.68 -11.17
C GLY A 299 28.64 -18.61 -11.95
N ARG A 300 28.83 -19.91 -11.74
CA ARG A 300 28.07 -20.92 -12.47
C ARG A 300 26.79 -21.34 -11.77
N LEU A 301 26.46 -20.71 -10.64
CA LEU A 301 25.26 -21.05 -9.89
C LEU A 301 24.16 -20.04 -10.19
N PHE A 302 22.98 -20.55 -10.51
CA PHE A 302 21.81 -19.72 -10.78
C PHE A 302 20.65 -20.23 -9.93
N LEU A 303 20.10 -19.37 -9.09
CA LEU A 303 18.98 -19.72 -8.24
C LEU A 303 17.65 -19.35 -8.89
N ALA A 304 16.63 -20.16 -8.65
CA ALA A 304 15.32 -19.94 -9.22
C ALA A 304 14.26 -20.51 -8.28
N GLY A 305 13.08 -19.87 -8.30
CA GLY A 305 11.97 -20.36 -7.51
C GLY A 305 12.14 -20.11 -6.02
N ASP A 306 11.56 -21.01 -5.23
CA ASP A 306 11.59 -20.87 -3.77
C ASP A 306 13.01 -20.94 -3.21
N ALA A 307 13.97 -21.48 -3.98
CA ALA A 307 15.35 -21.46 -3.53
C ALA A 307 15.88 -20.05 -3.36
N ALA A 308 15.36 -19.12 -4.16
CA ALA A 308 15.81 -17.73 -4.12
C ALA A 308 14.85 -16.80 -3.39
N HIS A 309 13.56 -17.15 -3.33
CA HIS A 309 12.55 -16.23 -2.83
C HIS A 309 11.27 -17.00 -2.52
N ILE A 310 10.60 -16.64 -1.43
CA ILE A 310 9.28 -17.15 -1.13
C ILE A 310 8.37 -15.98 -0.78
N VAL A 311 7.07 -16.20 -0.94
CA VAL A 311 6.06 -15.18 -0.65
C VAL A 311 4.95 -15.81 0.17
N PRO A 312 4.22 -15.03 0.97
CA PRO A 312 2.97 -15.53 1.54
C PRO A 312 1.99 -15.89 0.43
N PRO A 313 1.34 -17.05 0.51
CA PRO A 313 0.53 -17.53 -0.62
C PRO A 313 -0.73 -16.72 -0.89
N THR A 314 -0.89 -15.57 -0.23
CA THR A 314 -2.12 -14.80 -0.34
C THR A 314 -2.46 -14.47 -1.79
N GLY A 315 -1.46 -14.12 -2.59
CA GLY A 315 -1.67 -13.73 -3.96
C GLY A 315 -1.43 -14.79 -5.02
N ALA A 316 -1.13 -16.03 -4.61
CA ALA A 316 -0.89 -17.13 -5.55
C ALA A 316 0.23 -16.79 -6.53
N LYS A 317 1.41 -16.50 -5.97
CA LYS A 317 2.53 -15.99 -6.76
C LYS A 317 3.76 -16.88 -6.76
N GLY A 318 3.91 -17.78 -5.80
CA GLY A 318 5.12 -18.57 -5.67
C GLY A 318 5.49 -19.41 -6.89
N LEU A 319 4.58 -20.29 -7.30
CA LEU A 319 4.86 -21.13 -8.46
C LEU A 319 4.99 -20.30 -9.73
N ASN A 320 4.15 -19.28 -9.87
CA ASN A 320 4.22 -18.41 -11.04
C ASN A 320 5.55 -17.66 -11.08
N SER A 321 6.05 -17.22 -9.92
CA SER A 321 7.35 -16.56 -9.88
C SER A 321 8.46 -17.53 -10.25
N ALA A 322 8.36 -18.79 -9.80
CA ALA A 322 9.34 -19.79 -10.16
C ALA A 322 9.38 -20.00 -11.67
N MET A 323 8.20 -20.14 -12.28
CA MET A 323 8.13 -20.30 -13.74
C MET A 323 8.71 -19.09 -14.46
N ALA A 324 8.52 -17.88 -13.88
CA ALA A 324 9.11 -16.69 -14.47
C ALA A 324 10.63 -16.74 -14.41
N ASP A 325 11.19 -17.20 -13.29
CA ASP A 325 12.64 -17.35 -13.19
C ASP A 325 13.16 -18.32 -14.24
N ILE A 326 12.48 -19.46 -14.39
CA ILE A 326 12.92 -20.48 -15.33
C ILE A 326 12.81 -19.98 -16.77
N LYS A 327 11.76 -19.22 -17.07
CA LYS A 327 11.63 -18.66 -18.41
C LYS A 327 12.85 -17.81 -18.77
N VAL A 328 13.30 -16.97 -17.85
CA VAL A 328 14.48 -16.14 -18.11
C VAL A 328 15.74 -17.00 -18.11
N LEU A 329 15.83 -17.95 -17.18
CA LEU A 329 17.02 -18.80 -17.10
C LEU A 329 17.17 -19.66 -18.34
N ALA A 330 16.09 -20.27 -18.81
CA ALA A 330 16.16 -21.12 -19.99
C ALA A 330 16.60 -20.32 -21.20
N ALA A 331 16.00 -19.16 -21.42
CA ALA A 331 16.36 -18.31 -22.56
C ALA A 331 17.83 -17.91 -22.50
N ALA A 332 18.32 -17.56 -21.30
CA ALA A 332 19.71 -17.14 -21.17
C ALA A 332 20.67 -18.28 -21.48
N LEU A 333 20.33 -19.50 -21.05
CA LEU A 333 21.16 -20.66 -21.35
C LEU A 333 21.14 -20.99 -22.84
N VAL A 334 19.97 -20.84 -23.48
CA VAL A 334 19.91 -21.05 -24.93
C VAL A 334 20.79 -20.04 -25.65
N ASP A 335 20.73 -18.77 -25.24
CA ASP A 335 21.58 -17.76 -25.85
C ASP A 335 23.05 -18.10 -25.67
N HIS A 336 23.41 -18.69 -24.53
CA HIS A 336 24.79 -19.10 -24.31
C HIS A 336 25.18 -20.25 -25.24
N TYR A 337 24.46 -21.37 -25.16
CA TYR A 337 24.86 -22.55 -25.92
C TYR A 337 24.57 -22.39 -27.41
N ARG A 338 23.39 -21.88 -27.76
CA ARG A 338 22.99 -21.85 -29.17
C ARG A 338 23.58 -20.65 -29.90
N HIS A 339 23.61 -19.48 -29.25
CA HIS A 339 24.02 -18.25 -29.91
C HIS A 339 25.35 -17.70 -29.42
N GLY A 340 26.00 -18.36 -28.46
CA GLY A 340 27.31 -17.92 -28.02
C GLY A 340 27.32 -16.63 -27.24
N ARG A 341 26.17 -16.15 -26.80
CA ARG A 341 26.07 -14.92 -26.03
C ARG A 341 25.90 -15.25 -24.55
N SER A 342 26.72 -14.63 -23.70
CA SER A 342 26.63 -14.83 -22.27
C SER A 342 26.09 -13.62 -21.53
N ASP A 343 25.66 -12.57 -22.24
CA ASP A 343 25.20 -11.36 -21.58
C ASP A 343 23.83 -11.55 -20.94
N ARG A 344 22.98 -12.41 -21.52
CA ARG A 344 21.69 -12.68 -20.90
C ARG A 344 21.86 -13.49 -19.62
N LEU A 345 22.83 -14.39 -19.57
CA LEU A 345 23.17 -15.05 -18.31
C LEU A 345 23.64 -14.03 -17.27
N ALA A 346 24.41 -13.03 -17.71
CA ALA A 346 24.94 -12.04 -16.78
C ALA A 346 23.87 -11.12 -16.23
N THR A 347 22.72 -11.01 -16.90
CA THR A 347 21.63 -10.17 -16.43
C THR A 347 20.46 -10.99 -15.87
N TYR A 348 20.69 -12.27 -15.57
CA TYR A 348 19.61 -13.12 -15.08
C TYR A 348 19.09 -12.62 -13.74
N SER A 349 19.97 -12.48 -12.75
CA SER A 349 19.56 -12.01 -11.43
C SER A 349 18.95 -10.63 -11.50
N GLU A 350 19.59 -9.73 -12.26
CA GLU A 350 19.10 -8.37 -12.39
C GLU A 350 17.65 -8.32 -12.86
N ARG A 351 17.34 -9.07 -13.92
CA ARG A 351 15.98 -9.03 -14.47
C ARG A 351 15.00 -9.78 -13.58
N CYS A 352 15.41 -10.91 -13.00
CA CYS A 352 14.50 -11.66 -12.14
C CYS A 352 14.18 -10.89 -10.87
N LEU A 353 15.15 -10.17 -10.32
CA LEU A 353 14.94 -9.45 -9.06
C LEU A 353 13.98 -8.29 -9.24
N ARG A 354 14.04 -7.59 -10.38
CA ARG A 354 13.12 -6.49 -10.62
C ARG A 354 11.67 -6.97 -10.55
N ARG A 355 11.35 -8.04 -11.29
CA ARG A 355 9.99 -8.57 -11.25
C ARG A 355 9.66 -9.12 -9.87
N MET A 356 10.61 -9.82 -9.25
CA MET A 356 10.31 -10.50 -7.99
C MET A 356 10.04 -9.52 -6.86
N TRP A 357 10.73 -8.37 -6.85
CA TRP A 357 10.46 -7.40 -5.79
C TRP A 357 9.08 -6.79 -5.93
N LEU A 358 8.57 -6.66 -7.15
CA LEU A 358 7.19 -6.23 -7.34
C LEU A 358 6.22 -7.35 -6.95
N VAL A 359 6.59 -8.61 -7.22
CA VAL A 359 5.79 -9.73 -6.73
C VAL A 359 5.78 -9.74 -5.22
N GLN A 360 6.95 -9.55 -4.60
CA GLN A 360 7.02 -9.42 -3.14
C GLN A 360 6.15 -8.27 -2.65
N ARG A 361 6.19 -7.13 -3.35
CA ARG A 361 5.35 -6.00 -2.99
C ARG A 361 3.88 -6.38 -2.99
N PHE A 362 3.43 -7.09 -4.03
CA PHE A 362 2.02 -7.40 -4.16
C PHE A 362 1.58 -8.44 -3.14
N SER A 363 2.39 -9.49 -2.93
CA SER A 363 2.02 -10.52 -1.97
C SER A 363 1.98 -9.97 -0.55
N ALA A 364 2.91 -9.09 -0.20
CA ALA A 364 2.88 -8.47 1.11
C ALA A 364 1.69 -7.54 1.26
N ALA A 365 1.39 -6.76 0.22
CA ALA A 365 0.28 -5.82 0.29
C ALA A 365 -1.04 -6.54 0.53
N LEU A 366 -1.26 -7.66 -0.17
CA LEU A 366 -2.46 -8.46 0.09
C LEU A 366 -2.45 -9.02 1.50
N THR A 367 -1.31 -9.53 1.95
CA THR A 367 -1.23 -10.19 3.25
C THR A 367 -1.52 -9.21 4.38
N THR A 368 -0.90 -8.04 4.35
CA THR A 368 -1.10 -7.06 5.41
C THR A 368 -2.50 -6.45 5.38
N MET A 369 -3.23 -6.60 4.28
CA MET A 369 -4.57 -6.03 4.16
C MET A 369 -5.67 -6.96 4.67
N VAL A 370 -5.54 -8.27 4.42
CA VAL A 370 -6.65 -9.20 4.65
C VAL A 370 -6.52 -9.99 5.95
N HIS A 371 -5.36 -9.98 6.59
CA HIS A 371 -5.16 -10.71 7.83
C HIS A 371 -5.22 -9.77 9.03
N GLN A 372 -5.69 -10.30 10.15
CA GLN A 372 -5.71 -9.55 11.40
C GLN A 372 -4.39 -9.74 12.13
N PHE A 373 -3.77 -8.62 12.50
CA PHE A 373 -2.50 -8.65 13.20
C PHE A 373 -2.75 -8.49 14.70
N PRO A 374 -2.36 -9.46 15.52
CA PRO A 374 -2.67 -9.38 16.96
C PRO A 374 -2.01 -8.18 17.61
N GLY A 375 -2.81 -7.38 18.30
CA GLY A 375 -2.30 -6.21 18.98
C GLY A 375 -1.86 -5.09 18.06
N GLN A 376 -2.38 -5.04 16.85
CA GLN A 376 -1.98 -4.01 15.89
C GLN A 376 -2.56 -2.66 16.28
N ASN A 377 -1.83 -1.60 15.92
CA ASN A 377 -2.30 -0.23 16.12
C ASN A 377 -3.66 -0.04 15.46
N GLU A 378 -4.62 0.48 16.24
CA GLU A 378 -6.01 0.53 15.78
C GLU A 378 -6.17 1.40 14.53
N PHE A 379 -5.33 2.42 14.36
CA PHE A 379 -5.41 3.22 13.14
C PHE A 379 -4.98 2.42 11.92
N VAL A 380 -3.89 1.66 12.05
CA VAL A 380 -3.43 0.83 10.93
C VAL A 380 -4.44 -0.26 10.64
N ARG A 381 -5.09 -0.80 11.68
CA ARG A 381 -6.11 -1.83 11.47
CA ARG A 381 -6.11 -1.83 11.47
C ARG A 381 -7.26 -1.30 10.62
N ARG A 382 -7.72 -0.09 10.93
CA ARG A 382 -8.82 0.50 10.17
C ARG A 382 -8.40 0.82 8.73
N LEU A 383 -7.10 1.05 8.50
CA LEU A 383 -6.63 1.25 7.14
C LEU A 383 -6.80 0.00 6.28
N GLN A 384 -6.87 -1.19 6.90
CA GLN A 384 -7.15 -2.40 6.13
C GLN A 384 -8.49 -2.30 5.41
N ARG A 385 -9.53 -1.87 6.13
CA ARG A 385 -10.82 -1.64 5.49
C ARG A 385 -10.71 -0.55 4.43
N ALA A 386 -9.93 0.49 4.70
CA ALA A 386 -9.74 1.56 3.72
C ALA A 386 -9.04 1.04 2.47
N ASP A 387 -8.07 0.13 2.65
CA ASP A 387 -7.40 -0.48 1.50
C ASP A 387 -8.34 -1.42 0.75
N LEU A 388 -9.20 -2.13 1.48
CA LEU A 388 -10.19 -2.99 0.83
C LEU A 388 -11.20 -2.18 0.03
N ASP A 389 -11.70 -1.08 0.63
CA ASP A 389 -12.64 -0.23 -0.07
C ASP A 389 -12.05 0.34 -1.36
N TYR A 390 -10.79 0.82 -1.28
CA TYR A 390 -10.19 1.45 -2.45
C TYR A 390 -9.85 0.43 -3.53
N MET A 391 -9.40 -0.76 -3.13
CA MET A 391 -9.00 -1.76 -4.11
C MET A 391 -10.19 -2.27 -4.90
N THR A 392 -11.32 -2.48 -4.23
CA THR A 392 -12.52 -3.00 -4.88
C THR A 392 -13.42 -1.91 -5.45
N GLY A 393 -13.42 -0.73 -4.84
CA GLY A 393 -14.38 0.30 -5.18
C GLY A 393 -13.90 1.34 -6.17
N THR A 394 -12.62 1.37 -6.49
CA THR A 394 -12.07 2.33 -7.43
C THR A 394 -11.49 1.63 -8.64
N HIS A 395 -11.54 2.31 -9.78
CA HIS A 395 -10.96 1.77 -11.00
C HIS A 395 -9.45 1.58 -10.85
N ALA A 396 -8.78 2.55 -10.23
CA ALA A 396 -7.33 2.44 -10.05
C ALA A 396 -6.97 1.28 -9.13
N GLY A 397 -7.75 1.07 -8.07
CA GLY A 397 -7.50 -0.06 -7.19
C GLY A 397 -7.72 -1.39 -7.89
N ARG A 398 -8.84 -1.52 -8.62
CA ARG A 398 -9.11 -2.76 -9.34
C ARG A 398 -8.08 -3.01 -10.42
N LEU A 399 -7.59 -1.95 -11.08
CA LEU A 399 -6.60 -2.11 -12.13
C LEU A 399 -5.30 -2.69 -11.57
N GLN A 400 -4.80 -2.12 -10.47
CA GLN A 400 -3.54 -2.60 -9.91
C GLN A 400 -3.65 -4.05 -9.48
N PHE A 401 -4.75 -4.42 -8.82
CA PHE A 401 -4.92 -5.81 -8.41
C PHE A 401 -4.99 -6.74 -9.61
N ALA A 402 -5.73 -6.35 -10.65
CA ALA A 402 -5.94 -7.23 -11.80
C ALA A 402 -4.62 -7.53 -12.50
N GLU A 403 -3.83 -6.50 -12.79
CA GLU A 403 -2.58 -6.70 -13.51
C GLU A 403 -1.59 -7.51 -12.68
N ASN A 404 -1.54 -7.27 -11.37
CA ASN A 404 -0.62 -8.01 -10.52
C ASN A 404 -1.06 -9.46 -10.36
N PHE A 405 -2.36 -9.69 -10.12
CA PHE A 405 -2.83 -11.05 -9.83
C PHE A 405 -2.73 -11.94 -11.07
N THR A 406 -3.13 -11.43 -12.23
CA THR A 406 -3.03 -12.20 -13.46
C THR A 406 -1.59 -12.36 -13.94
N GLY A 407 -0.65 -11.62 -13.36
CA GLY A 407 0.75 -11.82 -13.69
C GLY A 407 1.44 -10.63 -14.32
N LEU A 408 2.48 -10.12 -13.64
CA LEU A 408 3.28 -9.04 -14.19
C LEU A 408 4.11 -9.55 -15.37
N PRO A 409 4.51 -8.65 -16.27
CA PRO A 409 5.32 -9.07 -17.42
C PRO A 409 6.64 -9.69 -17.00
N ILE A 410 7.21 -10.48 -17.92
CA ILE A 410 8.48 -11.15 -17.70
C ILE A 410 9.48 -10.61 -18.72
N GLU A 411 10.64 -10.19 -18.24
CA GLU A 411 11.67 -9.61 -19.10
C GLU A 411 12.52 -10.70 -19.73
N MET B 21 -24.79 37.53 21.69
CA MET B 21 -24.58 36.32 22.49
C MET B 21 -25.48 35.18 22.01
N ARG B 22 -26.29 35.46 21.00
CA ARG B 22 -27.21 34.49 20.43
C ARG B 22 -27.08 34.52 18.91
N THR B 23 -26.83 33.35 18.33
CA THR B 23 -26.67 33.23 16.89
C THR B 23 -27.28 31.90 16.44
N GLN B 24 -27.11 31.58 15.17
CA GLN B 24 -27.62 30.33 14.64
C GLN B 24 -26.58 29.22 14.67
N VAL B 25 -25.36 29.50 14.22
CA VAL B 25 -24.28 28.52 14.21
C VAL B 25 -23.09 29.12 14.96
N GLY B 26 -22.77 28.54 16.11
CA GLY B 26 -21.59 28.96 16.86
C GLY B 26 -20.34 28.24 16.40
N ILE B 27 -19.35 28.98 15.93
CA ILE B 27 -18.14 28.41 15.35
C ILE B 27 -17.01 28.55 16.35
N VAL B 28 -16.42 27.43 16.75
CA VAL B 28 -15.35 27.38 17.73
C VAL B 28 -14.03 27.23 16.96
N GLY B 29 -13.25 28.30 16.93
CA GLY B 29 -11.97 28.28 16.23
C GLY B 29 -12.00 29.08 14.94
N ALA B 30 -11.04 29.99 14.78
CA ALA B 30 -10.96 30.86 13.60
C ALA B 30 -9.85 30.42 12.64
N GLY B 31 -9.60 29.13 12.55
CA GLY B 31 -8.70 28.60 11.55
C GLY B 31 -9.35 28.63 10.18
N PRO B 32 -8.69 28.01 9.19
CA PRO B 32 -9.28 28.00 7.84
C PRO B 32 -10.64 27.32 7.78
N ALA B 33 -10.84 26.27 8.58
CA ALA B 33 -12.13 25.57 8.59
C ALA B 33 -13.22 26.47 9.16
N GLY B 34 -12.96 27.08 10.32
CA GLY B 34 -13.96 27.94 10.93
C GLY B 34 -14.23 29.20 10.12
N LEU B 35 -13.19 29.79 9.53
CA LEU B 35 -13.38 31.00 8.74
C LEU B 35 -14.14 30.71 7.45
N MET B 36 -13.81 29.60 6.78
CA MET B 36 -14.51 29.26 5.54
C MET B 36 -15.99 29.03 5.79
N LEU B 37 -16.33 28.34 6.87
CA LEU B 37 -17.74 28.09 7.19
C LEU B 37 -18.47 29.38 7.51
N ALA B 38 -17.83 30.27 8.29
CA ALA B 38 -18.46 31.54 8.61
C ALA B 38 -18.73 32.36 7.36
N HIS B 39 -17.83 32.30 6.38
CA HIS B 39 -18.04 33.03 5.13
C HIS B 39 -19.16 32.41 4.31
N LEU B 40 -19.15 31.08 4.18
CA LEU B 40 -20.16 30.40 3.37
C LEU B 40 -21.55 30.57 3.96
N LEU B 41 -21.69 30.41 5.28
CA LEU B 41 -22.97 30.65 5.91
C LEU B 41 -23.41 32.10 5.78
N ARG B 42 -22.46 33.03 5.72
CA ARG B 42 -22.79 34.43 5.55
C ARG B 42 -23.29 34.72 4.14
N ARG B 43 -22.69 34.06 3.14
CA ARG B 43 -23.13 34.25 1.75
C ARG B 43 -24.55 33.75 1.52
N GLU B 44 -25.09 32.92 2.41
CA GLU B 44 -26.41 32.35 2.25
C GLU B 44 -27.41 32.88 3.28
N GLY B 45 -27.05 33.92 4.02
CA GLY B 45 -27.98 34.53 4.96
C GLY B 45 -28.09 33.83 6.29
N ILE B 46 -27.13 32.98 6.65
CA ILE B 46 -27.11 32.31 7.94
C ILE B 46 -26.15 33.05 8.86
N ASP B 47 -26.59 33.27 10.10
CA ASP B 47 -25.81 34.03 11.07
C ASP B 47 -24.89 33.10 11.86
N ALA B 48 -23.65 33.55 12.06
CA ALA B 48 -22.66 32.76 12.76
C ALA B 48 -21.74 33.68 13.55
N VAL B 49 -21.13 33.13 14.60
CA VAL B 49 -20.19 33.83 15.46
C VAL B 49 -18.98 32.94 15.67
N VAL B 50 -17.79 33.48 15.43
CA VAL B 50 -16.53 32.75 15.56
C VAL B 50 -15.85 33.15 16.86
N ILE B 51 -15.34 32.16 17.58
CA ILE B 51 -14.65 32.38 18.85
C ILE B 51 -13.26 31.74 18.73
N GLU B 52 -12.23 32.57 18.76
CA GLU B 52 -10.84 32.13 18.60
C GLU B 52 -10.08 32.31 19.90
N ARG B 53 -9.26 31.32 20.24
CA ARG B 53 -8.50 31.37 21.48
C ARG B 53 -7.24 32.23 21.36
N ALA B 54 -6.67 32.33 20.17
CA ALA B 54 -5.43 33.05 19.96
C ALA B 54 -5.71 34.43 19.37
N ALA B 55 -4.64 35.20 19.18
CA ALA B 55 -4.77 36.49 18.53
C ALA B 55 -5.03 36.31 17.03
N ARG B 56 -5.39 37.41 16.38
CA ARG B 56 -5.72 37.34 14.95
C ARG B 56 -4.47 37.11 14.12
N GLU B 57 -3.40 37.85 14.41
CA GLU B 57 -2.19 37.72 13.60
C GLU B 57 -1.49 36.38 13.84
N HIS B 58 -1.64 35.80 15.03
CA HIS B 58 -1.05 34.49 15.29
C HIS B 58 -1.70 33.41 14.43
N VAL B 59 -3.02 33.46 14.27
CA VAL B 59 -3.73 32.47 13.47
C VAL B 59 -3.37 32.62 12.00
N ARG B 60 -3.26 33.86 11.52
CA ARG B 60 -3.01 34.10 10.10
C ARG B 60 -1.67 33.53 9.67
N THR B 61 -0.61 33.78 10.45
CA THR B 61 0.74 33.40 10.08
C THR B 61 1.21 32.12 10.79
N ARG B 62 0.27 31.25 11.17
CA ARG B 62 0.65 30.04 11.90
C ARG B 62 1.45 29.09 11.01
N LEU B 63 1.02 28.92 9.76
CA LEU B 63 1.68 28.03 8.81
C LEU B 63 1.81 28.74 7.49
N ARG B 64 3.04 28.92 7.01
CA ARG B 64 3.29 29.67 5.79
C ARG B 64 3.62 28.74 4.63
N ALA B 65 2.80 27.71 4.42
CA ALA B 65 3.01 26.77 3.33
C ALA B 65 1.68 26.07 3.06
N GLY B 66 1.67 25.23 2.02
CA GLY B 66 0.47 24.48 1.70
C GLY B 66 0.23 24.27 0.22
N VAL B 67 -0.15 23.05 -0.15
CA VAL B 67 -0.56 22.72 -1.51
C VAL B 67 -2.05 22.41 -1.50
N LEU B 68 -2.76 22.94 -2.49
CA LEU B 68 -4.21 22.83 -2.55
C LEU B 68 -4.62 21.86 -3.65
N GLU B 69 -5.56 20.98 -3.33
CA GLU B 69 -6.20 20.16 -4.35
C GLU B 69 -7.03 21.05 -5.27
N GLN B 70 -7.35 20.51 -6.45
CA GLN B 70 -8.14 21.28 -7.41
C GLN B 70 -9.54 21.56 -6.88
N GLY B 71 -10.16 20.59 -6.23
CA GLY B 71 -11.47 20.81 -5.64
C GLY B 71 -11.46 21.89 -4.58
N THR B 72 -10.38 22.00 -3.81
CA THR B 72 -10.26 23.08 -2.85
C THR B 72 -10.12 24.43 -3.54
N VAL B 73 -9.40 24.46 -4.66
CA VAL B 73 -9.20 25.72 -5.39
C VAL B 73 -10.53 26.21 -5.97
N GLU B 74 -11.28 25.30 -6.61
CA GLU B 74 -12.58 25.67 -7.17
C GLU B 74 -13.52 26.14 -6.08
N MET B 75 -13.47 25.50 -4.90
CA MET B 75 -14.32 25.90 -3.78
C MET B 75 -14.01 27.33 -3.34
N LEU B 76 -12.72 27.69 -3.33
CA LEU B 76 -12.35 29.05 -2.96
C LEU B 76 -12.80 30.07 -4.02
N ARG B 77 -12.71 29.69 -5.29
CA ARG B 77 -13.16 30.58 -6.36
C ARG B 77 -14.67 30.78 -6.31
N GLU B 78 -15.42 29.68 -6.20
CA GLU B 78 -16.88 29.78 -6.17
C GLU B 78 -17.37 30.52 -4.93
N ALA B 79 -16.58 30.50 -3.85
CA ALA B 79 -16.91 31.29 -2.66
C ALA B 79 -16.49 32.74 -2.78
N GLY B 80 -15.75 33.09 -3.83
CA GLY B 80 -15.33 34.46 -4.05
C GLY B 80 -14.03 34.86 -3.41
N VAL B 81 -13.23 33.90 -2.93
CA VAL B 81 -11.98 34.20 -2.24
C VAL B 81 -10.78 33.60 -2.97
N GLY B 82 -10.94 33.25 -4.24
CA GLY B 82 -9.87 32.62 -4.99
C GLY B 82 -9.38 33.43 -6.18
N GLY B 83 -9.46 34.76 -6.08
CA GLY B 83 -9.01 35.61 -7.16
C GLY B 83 -7.50 35.77 -7.24
N ARG B 84 -6.80 35.57 -6.13
CA ARG B 84 -5.36 35.76 -6.06
C ARG B 84 -4.59 34.48 -6.37
N ILE B 85 -5.27 33.37 -6.62
CA ILE B 85 -4.59 32.10 -6.83
C ILE B 85 -3.78 32.10 -8.13
N ASP B 86 -4.27 32.79 -9.16
CA ASP B 86 -3.54 32.82 -10.42
C ASP B 86 -2.19 33.52 -10.28
N ALA B 87 -2.13 34.57 -9.48
CA ALA B 87 -0.91 35.35 -9.33
C ALA B 87 -0.03 34.83 -8.19
N VAL B 88 -0.57 34.77 -6.98
CA VAL B 88 0.23 34.35 -5.83
C VAL B 88 0.51 32.85 -5.87
N GLY B 89 -0.40 32.06 -6.44
CA GLY B 89 -0.28 30.62 -6.42
C GLY B 89 0.62 30.06 -7.51
N MET B 90 0.99 28.80 -7.33
CA MET B 90 1.86 28.07 -8.25
C MET B 90 1.16 26.78 -8.65
N GLU B 91 0.79 26.68 -9.93
CA GLU B 91 0.09 25.51 -10.42
C GLU B 91 1.07 24.37 -10.67
N MET B 92 0.70 23.17 -10.24
CA MET B 92 1.55 21.99 -10.34
C MET B 92 0.98 21.01 -11.36
N HIS B 93 1.86 20.39 -12.13
CA HIS B 93 1.49 19.30 -13.01
C HIS B 93 2.21 18.00 -12.70
N ALA B 94 3.32 18.04 -11.96
CA ALA B 94 4.11 16.84 -11.72
C ALA B 94 4.91 17.00 -10.44
N ILE B 95 5.29 15.86 -9.87
CA ILE B 95 6.21 15.78 -8.77
C ILE B 95 7.42 14.97 -9.22
N ASP B 96 8.62 15.46 -8.90
CA ASP B 96 9.85 14.75 -9.23
C ASP B 96 10.24 13.89 -8.03
N PHE B 97 9.89 12.60 -8.10
CA PHE B 97 10.30 11.64 -7.08
C PHE B 97 11.72 11.20 -7.37
N ARG B 98 12.67 11.62 -6.55
CA ARG B 98 14.07 11.28 -6.73
C ARG B 98 14.44 10.16 -5.77
N PHE B 99 14.98 9.08 -6.32
CA PHE B 99 15.45 7.94 -5.54
C PHE B 99 16.36 7.11 -6.43
N GLY B 100 17.18 6.28 -5.79
CA GLY B 100 18.15 5.50 -6.53
C GLY B 100 19.11 6.32 -7.37
N GLY B 101 19.27 7.60 -7.05
CA GLY B 101 20.15 8.48 -7.79
C GLY B 101 19.56 9.07 -9.06
N ARG B 102 18.26 8.93 -9.28
CA ARG B 102 17.63 9.35 -10.53
C ARG B 102 16.35 10.13 -10.24
N SER B 103 15.95 10.94 -11.23
CA SER B 103 14.68 11.62 -11.20
C SER B 103 13.60 10.74 -11.80
N HIS B 104 12.38 10.83 -11.24
CA HIS B 104 11.21 10.12 -11.76
C HIS B 104 10.05 11.12 -11.73
N ARG B 105 9.87 11.82 -12.84
CA ARG B 105 8.85 12.88 -12.92
C ARG B 105 7.49 12.23 -13.18
N LEU B 106 6.64 12.24 -12.17
CA LEU B 106 5.29 11.68 -12.27
C LEU B 106 4.34 12.82 -12.62
N ASP B 107 3.93 12.88 -13.88
CA ASP B 107 3.02 13.91 -14.37
C ASP B 107 1.60 13.54 -13.97
N PHE B 108 1.18 13.96 -12.78
CA PHE B 108 -0.16 13.66 -12.33
C PHE B 108 -1.23 14.46 -13.07
N HIS B 109 -0.84 15.43 -13.88
CA HIS B 109 -1.81 16.13 -14.73
C HIS B 109 -2.28 15.23 -15.86
N GLU B 110 -1.34 14.65 -16.61
CA GLU B 110 -1.70 13.70 -17.65
C GLU B 110 -2.33 12.44 -17.06
N ALA B 111 -1.79 11.97 -15.93
CA ALA B 111 -2.26 10.70 -15.38
C ALA B 111 -3.68 10.80 -14.85
N SER B 112 -4.08 11.96 -14.33
CA SER B 112 -5.43 12.15 -13.81
C SER B 112 -6.42 12.59 -14.89
N GLY B 113 -5.97 12.75 -16.13
CA GLY B 113 -6.87 13.18 -17.18
C GLY B 113 -7.24 14.64 -17.14
N GLY B 114 -6.37 15.49 -16.61
CA GLY B 114 -6.58 16.93 -16.61
C GLY B 114 -6.64 17.59 -15.25
N ARG B 115 -6.65 16.84 -14.15
CA ARG B 115 -6.68 17.45 -12.84
C ARG B 115 -5.27 17.84 -12.42
N ARG B 116 -5.19 18.81 -11.50
CA ARG B 116 -3.92 19.40 -11.11
C ARG B 116 -4.01 19.92 -9.69
N ALA B 117 -2.89 20.46 -9.21
CA ALA B 117 -2.80 21.00 -7.85
C ALA B 117 -2.14 22.37 -7.90
N TRP B 118 -2.27 23.11 -6.80
CA TRP B 118 -1.77 24.47 -6.71
C TRP B 118 -1.00 24.66 -5.41
N VAL B 119 0.19 25.26 -5.51
CA VAL B 119 0.93 25.71 -4.34
C VAL B 119 0.37 27.08 -3.95
N TYR B 120 -0.45 27.12 -2.91
CA TYR B 120 -1.03 28.36 -2.41
C TYR B 120 -1.04 28.27 -0.89
N PRO B 121 -0.12 28.97 -0.22
CA PRO B 121 0.10 28.73 1.21
C PRO B 121 -1.12 29.04 2.06
N GLN B 122 -1.15 28.41 3.24
CA GLN B 122 -2.30 28.56 4.13
C GLN B 122 -2.41 29.97 4.68
N HIS B 123 -1.28 30.65 4.92
CA HIS B 123 -1.35 32.02 5.42
C HIS B 123 -1.96 32.96 4.38
N GLU B 124 -1.88 32.60 3.11
CA GLU B 124 -2.58 33.37 2.07
C GLU B 124 -4.07 33.06 2.07
N VAL B 125 -4.44 31.79 2.31
CA VAL B 125 -5.85 31.41 2.34
C VAL B 125 -6.54 32.08 3.52
N VAL B 126 -5.91 32.05 4.69
CA VAL B 126 -6.51 32.64 5.89
C VAL B 126 -6.69 34.14 5.69
N THR B 127 -5.71 34.80 5.09
CA THR B 127 -5.85 36.23 4.80
C THR B 127 -7.01 36.50 3.87
N ASP B 128 -7.24 35.62 2.90
CA ASP B 128 -8.40 35.77 2.02
C ASP B 128 -9.70 35.56 2.78
N LEU B 129 -9.76 34.50 3.58
CA LEU B 129 -10.97 34.24 4.36
C LEU B 129 -11.17 35.27 5.46
N MET B 130 -10.10 35.87 5.96
CA MET B 130 -10.24 36.97 6.90
C MET B 130 -10.84 38.20 6.21
N SER B 131 -10.44 38.46 4.96
CA SER B 131 -10.98 39.59 4.22
C SER B 131 -12.48 39.41 3.98
N ALA B 132 -12.89 38.22 3.55
CA ALA B 132 -14.30 37.98 3.28
C ALA B 132 -15.13 38.05 4.57
N CYS B 133 -14.61 37.48 5.66
CA CYS B 133 -15.32 37.57 6.93
C CYS B 133 -15.39 39.01 7.44
N ASP B 134 -14.37 39.82 7.12
CA ASP B 134 -14.42 41.24 7.48
C ASP B 134 -15.37 41.99 6.57
N ALA B 135 -15.27 41.78 5.26
CA ALA B 135 -16.12 42.47 4.30
C ALA B 135 -17.58 42.04 4.39
N GLY B 136 -17.89 41.03 5.20
CA GLY B 136 -19.26 40.58 5.36
C GLY B 136 -19.77 40.73 6.77
N ASP B 137 -18.99 41.40 7.62
CA ASP B 137 -19.35 41.68 9.01
C ASP B 137 -19.61 40.39 9.79
N VAL B 138 -18.65 39.47 9.73
CA VAL B 138 -18.70 38.22 10.47
C VAL B 138 -18.08 38.46 11.85
N PRO B 139 -18.83 38.38 12.93
CA PRO B 139 -18.27 38.65 14.26
C PRO B 139 -17.31 37.54 14.68
N ILE B 140 -16.06 37.91 14.94
CA ILE B 140 -15.01 36.97 15.33
C ILE B 140 -14.37 37.50 16.60
N LEU B 141 -14.51 36.76 17.70
CA LEU B 141 -13.95 37.14 18.99
C LEU B 141 -12.61 36.44 19.18
N TYR B 142 -11.54 37.23 19.24
CA TYR B 142 -10.19 36.70 19.39
C TYR B 142 -9.77 36.73 20.86
N GLU B 143 -8.75 35.93 21.17
CA GLU B 143 -8.20 35.83 22.52
C GLU B 143 -9.29 35.52 23.54
N ALA B 144 -10.20 34.61 23.16
CA ALA B 144 -11.30 34.18 24.02
C ALA B 144 -11.38 32.66 23.92
N PRO B 145 -10.55 31.94 24.66
CA PRO B 145 -10.55 30.47 24.56
C PRO B 145 -11.87 29.88 25.04
N VAL B 146 -12.45 29.03 24.20
CA VAL B 146 -13.66 28.31 24.58
C VAL B 146 -13.32 27.28 25.64
N GLU B 147 -14.10 27.27 26.72
CA GLU B 147 -13.85 26.38 27.85
C GLU B 147 -14.77 25.17 27.88
N ARG B 148 -16.06 25.34 27.59
CA ARG B 148 -17.01 24.26 27.64
C ARG B 148 -18.07 24.44 26.56
N ILE B 149 -18.59 23.31 26.08
CA ILE B 149 -19.71 23.27 25.14
C ILE B 149 -20.76 22.34 25.71
N GLU B 150 -21.99 22.84 25.83
CA GLU B 150 -23.07 22.08 26.46
C GLU B 150 -24.35 22.26 25.65
N GLY B 151 -25.37 21.50 26.03
CA GLY B 151 -26.64 21.56 25.34
C GLY B 151 -26.65 20.92 23.98
N LEU B 152 -25.75 19.95 23.74
CA LEU B 152 -25.70 19.29 22.44
C LEU B 152 -26.97 18.49 22.16
N GLU B 153 -27.60 17.96 23.21
CA GLU B 153 -28.87 17.25 23.07
C GLU B 153 -30.04 18.07 23.59
N ASP B 154 -29.84 19.35 23.86
CA ASP B 154 -30.91 20.24 24.26
C ASP B 154 -31.51 20.92 23.04
N ASP B 155 -32.46 21.83 23.28
CA ASP B 155 -33.05 22.59 22.19
C ASP B 155 -32.11 23.65 21.65
N ARG B 156 -31.05 23.97 22.39
CA ARG B 156 -30.09 24.99 21.98
C ARG B 156 -28.77 24.70 22.68
N ALA B 157 -27.68 24.91 21.96
CA ALA B 157 -26.34 24.66 22.47
C ALA B 157 -25.71 25.96 22.97
N ARG B 158 -24.82 25.82 23.95
CA ARG B 158 -24.17 26.96 24.57
C ARG B 158 -22.66 26.81 24.49
N ILE B 159 -21.98 27.89 24.13
CA ILE B 159 -20.52 27.94 24.04
C ILE B 159 -20.02 28.86 25.14
N VAL B 160 -19.32 28.28 26.12
CA VAL B 160 -18.80 29.03 27.26
C VAL B 160 -17.33 29.34 27.00
N PHE B 161 -17.03 30.61 26.79
CA PHE B 161 -15.67 31.09 26.59
C PHE B 161 -15.25 31.99 27.75
N GLY B 162 -13.97 32.35 27.75
CA GLY B 162 -13.44 33.17 28.83
C GLY B 162 -12.36 34.10 28.32
N GLN B 163 -12.07 35.11 29.15
CA GLN B 163 -11.04 36.10 28.81
C GLN B 163 -10.70 36.88 30.07
N ASP B 164 -9.51 36.62 30.62
CA ASP B 164 -9.02 37.29 31.83
C ASP B 164 -9.97 37.06 33.01
N GLY B 165 -10.21 35.79 33.31
CA GLY B 165 -11.11 35.43 34.40
C GLY B 165 -12.51 35.99 34.23
N ALA B 166 -12.99 36.08 32.99
CA ALA B 166 -14.32 36.58 32.69
C ALA B 166 -15.05 35.59 31.79
N ALA B 167 -16.13 35.02 32.31
CA ALA B 167 -16.88 34.02 31.55
C ALA B 167 -17.87 34.70 30.62
N GLY B 168 -17.84 34.31 29.34
CA GLY B 168 -18.83 34.70 28.37
C GLY B 168 -19.62 33.49 27.90
N GLU B 169 -20.68 33.75 27.14
CA GLU B 169 -21.56 32.68 26.71
C GLU B 169 -22.20 33.03 25.38
N ILE B 170 -22.38 32.02 24.53
CA ILE B 170 -22.95 32.18 23.20
C ILE B 170 -23.92 31.02 22.96
N THR B 171 -25.18 31.35 22.71
CA THR B 171 -26.22 30.36 22.44
C THR B 171 -26.47 30.27 20.95
N CYS B 172 -26.58 29.03 20.44
CA CYS B 172 -26.70 28.81 19.01
C CYS B 172 -27.50 27.54 18.76
N ASP B 173 -27.99 27.41 17.51
CA ASP B 173 -28.69 26.20 17.11
C ASP B 173 -27.73 25.04 16.94
N PHE B 174 -26.54 25.31 16.39
CA PHE B 174 -25.54 24.28 16.14
C PHE B 174 -24.16 24.82 16.46
N VAL B 175 -23.28 23.94 16.90
CA VAL B 175 -21.89 24.28 17.21
C VAL B 175 -20.99 23.62 16.18
N ALA B 176 -20.10 24.40 15.58
CA ALA B 176 -19.14 23.92 14.61
C ALA B 176 -17.78 23.78 15.29
N GLY B 177 -17.34 22.54 15.50
CA GLY B 177 -16.05 22.30 16.12
C GLY B 177 -14.90 22.39 15.14
N CYS B 178 -14.35 23.59 14.99
CA CYS B 178 -13.26 23.86 14.06
C CYS B 178 -12.03 24.38 14.79
N ASP B 179 -11.78 23.84 15.98
CA ASP B 179 -10.70 24.32 16.85
C ASP B 179 -9.44 23.47 16.75
N GLY B 180 -9.24 22.78 15.64
CA GLY B 180 -7.99 22.08 15.40
C GLY B 180 -7.75 20.91 16.33
N PHE B 181 -6.55 20.34 16.18
CA PHE B 181 -6.21 19.12 16.89
C PHE B 181 -6.15 19.34 18.40
N ARG B 182 -5.63 20.49 18.83
CA ARG B 182 -5.54 20.81 20.25
C ARG B 182 -6.81 21.47 20.79
N GLY B 183 -7.90 21.44 20.04
CA GLY B 183 -9.12 22.11 20.44
C GLY B 183 -9.83 21.41 21.58
N VAL B 184 -11.00 21.97 21.91
CA VAL B 184 -11.82 21.45 23.00
C VAL B 184 -13.11 20.82 22.50
N SER B 185 -13.52 21.08 21.25
CA SER B 185 -14.80 20.58 20.76
C SER B 185 -14.80 19.06 20.65
N ARG B 186 -13.66 18.45 20.31
CA ARG B 186 -13.61 17.00 20.19
C ARG B 186 -13.89 16.32 21.53
N GLY B 187 -13.41 16.91 22.62
CA GLY B 187 -13.69 16.39 23.94
C GLY B 187 -15.02 16.76 24.52
N SER B 188 -15.84 17.51 23.77
CA SER B 188 -17.14 17.97 24.25
C SER B 188 -18.25 16.94 24.03
N MET B 189 -17.96 15.83 23.38
CA MET B 189 -19.01 14.84 23.14
C MET B 189 -19.27 14.01 24.40
N PRO B 190 -20.49 13.49 24.56
CA PRO B 190 -20.81 12.73 25.76
C PRO B 190 -19.92 11.50 25.93
N ALA B 191 -19.93 10.95 27.14
CA ALA B 191 -19.06 9.84 27.49
C ALA B 191 -19.41 8.60 26.70
N GLY B 192 -18.41 8.00 26.07
CA GLY B 192 -18.59 6.76 25.33
C GLY B 192 -18.88 6.94 23.85
N ILE B 193 -19.18 8.16 23.40
CA ILE B 193 -19.51 8.37 21.99
C ILE B 193 -18.26 8.35 21.14
N ALA B 194 -17.25 9.13 21.51
CA ALA B 194 -16.08 9.33 20.67
C ALA B 194 -15.14 8.12 20.71
N ARG B 195 -14.61 7.77 19.55
CA ARG B 195 -13.60 6.72 19.41
C ARG B 195 -12.48 7.26 18.54
N GLY B 196 -11.24 7.19 19.04
CA GLY B 196 -10.10 7.78 18.38
C GLY B 196 -9.18 6.72 17.77
N TYR B 197 -8.64 7.04 16.60
CA TYR B 197 -7.64 6.22 15.93
C TYR B 197 -6.38 7.05 15.79
N ASP B 198 -5.30 6.62 16.45
CA ASP B 198 -4.11 7.44 16.59
C ASP B 198 -2.87 6.62 16.24
N ARG B 199 -2.03 7.15 15.36
CA ARG B 199 -0.74 6.54 15.04
C ARG B 199 0.28 7.64 14.83
N ILE B 200 1.36 7.60 15.60
CA ILE B 200 2.43 8.60 15.52
C ILE B 200 3.59 7.99 14.73
N TYR B 201 4.23 8.82 13.91
CA TYR B 201 5.36 8.31 13.16
C TYR B 201 6.67 8.67 13.85
N PRO B 202 7.70 7.83 13.73
CA PRO B 202 8.93 8.04 14.52
C PRO B 202 9.88 9.06 13.91
N PHE B 203 9.34 10.17 13.44
CA PHE B 203 10.16 11.22 12.84
C PHE B 203 9.35 12.50 12.76
N GLY B 204 10.05 13.61 12.60
CA GLY B 204 9.41 14.89 12.38
C GLY B 204 9.85 15.52 11.08
N TRP B 205 9.43 16.75 10.84
CA TRP B 205 9.84 17.53 9.67
C TRP B 205 10.56 18.78 10.13
N LEU B 206 11.73 19.03 9.57
CA LEU B 206 12.45 20.29 9.76
C LEU B 206 12.18 21.14 8.51
N GLY B 207 11.30 22.13 8.66
CA GLY B 207 10.91 22.97 7.54
C GLY B 207 11.61 24.31 7.60
N ILE B 208 11.97 24.83 6.42
CA ILE B 208 12.63 26.12 6.30
C ILE B 208 12.06 26.88 5.12
N LEU B 209 12.15 28.21 5.19
CA LEU B 209 11.95 29.08 4.05
C LEU B 209 13.30 29.69 3.68
N ALA B 210 13.63 29.65 2.39
CA ALA B 210 14.94 30.08 1.92
C ALA B 210 14.80 31.06 0.78
N ASP B 211 15.59 32.14 0.83
CA ASP B 211 15.68 33.09 -0.28
C ASP B 211 16.66 32.54 -1.31
N ALA B 212 16.19 31.54 -2.06
CA ALA B 212 16.97 30.88 -3.09
C ALA B 212 16.00 30.42 -4.17
N PRO B 213 16.37 30.54 -5.44
CA PRO B 213 15.46 30.12 -6.51
C PRO B 213 15.38 28.60 -6.55
N PRO B 214 14.26 28.05 -7.05
CA PRO B 214 14.17 26.59 -7.18
C PRO B 214 15.13 26.06 -8.22
N ALA B 215 15.72 24.91 -7.93
CA ALA B 215 16.67 24.28 -8.83
C ALA B 215 15.98 23.55 -9.99
N SER B 216 14.69 23.24 -9.86
CA SER B 216 13.94 22.58 -10.91
C SER B 216 12.54 23.18 -10.95
N PRO B 217 11.87 23.12 -12.11
CA PRO B 217 10.53 23.70 -12.23
C PRO B 217 9.42 22.88 -11.58
N ASP B 218 9.73 21.72 -11.00
CA ASP B 218 8.73 20.86 -10.40
C ASP B 218 9.01 20.67 -8.92
N VAL B 219 7.93 20.51 -8.14
CA VAL B 219 8.09 20.13 -6.74
C VAL B 219 8.80 18.79 -6.69
N THR B 220 9.84 18.72 -5.85
CA THR B 220 10.75 17.58 -5.84
C THR B 220 10.73 16.90 -4.48
N TRP B 221 10.56 15.58 -4.50
CA TRP B 221 10.61 14.76 -3.29
C TRP B 221 11.92 13.97 -3.29
N GLY B 222 12.65 14.07 -2.18
CA GLY B 222 13.87 13.29 -2.01
C GLY B 222 13.63 12.07 -1.16
N CYS B 223 13.43 10.92 -1.81
CA CYS B 223 13.15 9.67 -1.11
C CYS B 223 14.42 8.85 -0.95
N SER B 224 15.38 9.45 -0.25
CA SER B 224 16.70 8.87 -0.05
C SER B 224 16.73 7.96 1.16
N ASP B 225 17.69 7.04 1.18
CA ASP B 225 17.91 6.21 2.36
C ASP B 225 18.53 6.99 3.51
N ARG B 226 18.94 8.25 3.27
CA ARG B 226 19.32 9.14 4.34
C ARG B 226 18.13 9.79 5.01
N GLY B 227 16.94 9.70 4.41
CA GLY B 227 15.75 10.32 4.95
C GLY B 227 15.01 11.13 3.90
N PHE B 228 13.76 11.48 4.20
CA PHE B 228 12.95 12.24 3.26
C PHE B 228 13.40 13.70 3.22
N ALA B 229 13.28 14.29 2.03
CA ALA B 229 13.46 15.72 1.85
C ALA B 229 12.53 16.18 0.76
N MET B 230 12.15 17.45 0.81
CA MET B 230 11.24 18.02 -0.16
C MET B 230 11.67 19.43 -0.50
N MET B 231 11.63 19.76 -1.79
CA MET B 231 11.84 21.12 -2.27
C MET B 231 10.55 21.60 -2.90
N SER B 232 9.82 22.46 -2.20
CA SER B 232 8.66 23.14 -2.74
C SER B 232 9.02 24.59 -3.05
N MET B 233 8.18 25.24 -3.85
CA MET B 233 8.49 26.55 -4.41
C MET B 233 7.38 27.53 -4.06
N ARG B 234 7.63 28.36 -3.06
CA ARG B 234 6.71 29.46 -2.75
C ARG B 234 6.59 30.42 -3.93
N SER B 235 7.71 30.75 -4.55
CA SER B 235 7.74 31.70 -5.66
C SER B 235 9.00 31.40 -6.47
N PRO B 236 9.17 32.06 -7.62
CA PRO B 236 10.46 31.95 -8.33
C PRO B 236 11.64 32.42 -7.51
N THR B 237 11.41 33.16 -6.43
CA THR B 237 12.48 33.67 -5.58
C THR B 237 12.68 32.88 -4.30
N VAL B 238 11.61 32.35 -3.72
CA VAL B 238 11.66 31.67 -2.43
C VAL B 238 11.40 30.18 -2.65
N THR B 239 12.03 29.36 -1.80
CA THR B 239 11.84 27.92 -1.82
C THR B 239 11.38 27.43 -0.44
N ARG B 240 10.49 26.45 -0.45
CA ARG B 240 10.08 25.76 0.76
C ARG B 240 10.76 24.40 0.79
N LEU B 241 11.43 24.08 1.91
CA LEU B 241 12.23 22.88 2.00
C LEU B 241 11.95 22.18 3.33
N TYR B 242 11.77 20.86 3.27
CA TYR B 242 11.56 20.04 4.46
C TYR B 242 12.65 18.98 4.56
N LEU B 243 12.96 18.58 5.79
CA LEU B 243 13.91 17.53 6.07
C LEU B 243 13.32 16.60 7.12
N GLN B 244 13.36 15.29 6.86
CA GLN B 244 13.01 14.33 7.90
C GLN B 244 14.01 14.45 9.05
N CYS B 245 13.48 14.56 10.27
CA CYS B 245 14.31 14.72 11.46
C CYS B 245 13.72 13.90 12.59
N GLU B 246 14.43 13.87 13.71
CA GLU B 246 13.92 13.24 14.91
C GLU B 246 12.61 13.92 15.31
N PRO B 247 11.67 13.18 15.91
CA PRO B 247 10.34 13.76 16.17
C PRO B 247 10.39 14.98 17.08
N ASP B 248 11.24 14.99 18.08
CA ASP B 248 11.41 16.13 18.98
C ASP B 248 12.74 16.85 18.71
N GLU B 249 13.10 16.97 17.44
CA GLU B 249 14.41 17.53 17.09
C GLU B 249 14.53 18.97 17.56
N ASP B 250 15.69 19.30 18.09
CA ASP B 250 16.05 20.66 18.47
C ASP B 250 16.52 21.40 17.23
N PRO B 251 15.77 22.40 16.75
CA PRO B 251 16.23 23.16 15.57
C PRO B 251 17.56 23.86 15.78
N ASP B 252 17.95 24.11 17.04
CA ASP B 252 19.25 24.72 17.30
C ASP B 252 20.39 23.82 16.85
N ALA B 253 20.17 22.51 16.79
CA ALA B 253 21.20 21.57 16.35
C ALA B 253 21.40 21.57 14.84
N TRP B 254 20.64 22.38 14.10
CA TRP B 254 20.72 22.42 12.64
C TRP B 254 21.10 23.83 12.20
N SER B 255 22.40 24.05 12.03
CA SER B 255 22.89 25.29 11.47
C SER B 255 22.49 25.38 9.99
N ASP B 256 22.68 26.58 9.42
CA ASP B 256 22.34 26.79 8.01
C ASP B 256 23.12 25.82 7.11
N ASP B 257 24.42 25.69 7.34
CA ASP B 257 25.24 24.85 6.47
C ASP B 257 24.91 23.37 6.64
N ARG B 258 24.55 22.93 7.85
CA ARG B 258 24.14 21.55 8.02
C ARG B 258 22.83 21.27 7.29
N ILE B 259 21.90 22.24 7.30
CA ILE B 259 20.63 22.07 6.61
C ILE B 259 20.86 21.94 5.11
N TRP B 260 21.61 22.88 4.53
CA TRP B 260 21.86 22.84 3.10
C TRP B 260 22.65 21.60 2.70
N SER B 261 23.62 21.20 3.53
CA SER B 261 24.42 20.02 3.21
C SER B 261 23.55 18.77 3.16
N GLU B 262 22.66 18.61 4.14
CA GLU B 262 21.79 17.44 4.16
C GLU B 262 20.78 17.49 3.02
N LEU B 263 20.24 18.69 2.72
CA LEU B 263 19.31 18.82 1.61
C LEU B 263 19.97 18.44 0.29
N HIS B 264 21.26 18.78 0.12
CA HIS B 264 21.98 18.34 -1.07
C HIS B 264 22.05 16.83 -1.15
N ARG B 265 22.38 16.17 -0.03
CA ARG B 265 22.57 14.73 -0.04
C ARG B 265 21.27 13.98 -0.33
N ARG B 266 20.14 14.51 0.13
CA ARG B 266 18.86 13.82 -0.03
C ARG B 266 18.13 14.19 -1.31
N LEU B 267 18.57 15.24 -2.02
CA LEU B 267 17.83 15.72 -3.19
C LEU B 267 18.64 15.73 -4.47
N ASP B 268 19.91 16.13 -4.42
CA ASP B 268 20.70 16.27 -5.64
C ASP B 268 20.86 14.92 -6.33
N VAL B 269 20.61 14.90 -7.64
CA VAL B 269 20.85 13.74 -8.49
C VAL B 269 21.66 14.20 -9.69
N GLU B 270 22.43 13.27 -10.26
CA GLU B 270 23.22 13.60 -11.43
C GLU B 270 22.32 13.92 -12.62
N GLY B 271 22.78 14.86 -13.45
CA GLY B 271 22.03 15.30 -14.61
C GLY B 271 20.98 16.34 -14.35
N MET B 272 20.66 16.62 -13.09
CA MET B 272 19.71 17.65 -12.72
C MET B 272 20.42 18.80 -12.00
N PRO B 273 19.93 20.02 -12.14
CA PRO B 273 20.59 21.15 -11.49
C PRO B 273 20.64 20.99 -9.98
N SER B 274 21.77 21.39 -9.40
CA SER B 274 21.97 21.26 -7.96
C SER B 274 21.11 22.26 -7.20
N LEU B 275 20.78 21.91 -5.96
CA LEU B 275 19.95 22.76 -5.13
C LEU B 275 20.65 24.08 -4.84
N ARG B 276 19.89 25.17 -4.91
CA ARG B 276 20.42 26.51 -4.66
C ARG B 276 20.31 26.86 -3.19
N GLU B 277 21.34 27.51 -2.67
CA GLU B 277 21.40 27.90 -1.27
C GLU B 277 21.21 29.40 -1.13
N GLY B 278 20.70 29.81 0.04
CA GLY B 278 20.45 31.21 0.32
C GLY B 278 20.06 31.44 1.76
N PRO B 279 19.72 32.68 2.09
CA PRO B 279 19.34 33.00 3.47
C PRO B 279 18.11 32.22 3.91
N ILE B 280 18.20 31.61 5.09
CA ILE B 280 17.12 30.81 5.66
C ILE B 280 16.37 31.66 6.66
N ARG B 281 15.06 31.77 6.48
CA ARG B 281 14.24 32.67 7.29
C ARG B 281 13.41 31.88 8.31
N ASP B 282 12.35 31.23 7.85
CA ASP B 282 11.56 30.38 8.72
C ASP B 282 12.31 29.09 9.04
N LYS B 283 12.09 28.57 10.24
CA LYS B 283 12.69 27.29 10.63
C LYS B 283 11.92 26.75 11.83
N GLY B 284 11.48 25.50 11.73
CA GLY B 284 10.74 24.88 12.82
C GLY B 284 10.58 23.39 12.59
N VAL B 285 10.28 22.70 13.69
CA VAL B 285 10.10 21.24 13.69
C VAL B 285 8.63 20.93 13.92
N THR B 286 8.05 20.15 13.02
CA THR B 286 6.65 19.77 13.10
C THR B 286 6.53 18.25 13.14
N ALA B 287 5.50 17.77 13.82
CA ALA B 287 5.34 16.34 14.05
C ALA B 287 4.71 15.65 12.85
N MET B 288 4.73 14.32 12.86
CA MET B 288 4.15 13.48 11.83
C MET B 288 3.20 12.51 12.50
N ARG B 289 1.90 12.70 12.31
CA ARG B 289 0.91 11.97 13.10
C ARG B 289 -0.36 11.76 12.29
N SER B 290 -0.93 10.57 12.41
CA SER B 290 -2.22 10.24 11.81
C SER B 290 -3.24 10.10 12.93
N PHE B 291 -4.32 10.89 12.86
CA PHE B 291 -5.38 10.81 13.84
C PHE B 291 -6.73 11.04 13.18
N LEU B 292 -7.74 10.33 13.66
CA LEU B 292 -9.11 10.48 13.20
C LEU B 292 -10.04 10.05 14.33
N SER B 293 -11.08 10.83 14.56
CA SER B 293 -12.04 10.55 15.62
C SER B 293 -13.43 10.32 15.03
N GLU B 294 -14.15 9.37 15.59
CA GLU B 294 -15.50 9.04 15.16
C GLU B 294 -16.47 9.14 16.32
N PRO B 295 -17.67 9.67 16.09
CA PRO B 295 -18.16 10.27 14.84
C PRO B 295 -17.77 11.74 14.75
N MET B 296 -18.05 12.39 13.62
CA MET B 296 -17.78 13.80 13.45
C MET B 296 -18.97 14.68 13.81
N GLN B 297 -19.96 14.13 14.50
CA GLN B 297 -21.13 14.90 14.92
C GLN B 297 -21.81 14.18 16.08
N HIS B 298 -22.48 14.97 16.92
CA HIS B 298 -23.35 14.41 17.96
C HIS B 298 -24.33 15.49 18.37
N GLY B 299 -25.61 15.27 18.07
CA GLY B 299 -26.62 16.29 18.29
C GLY B 299 -26.35 17.57 17.53
N ARG B 300 -26.10 18.66 18.26
CA ARG B 300 -25.90 19.97 17.66
C ARG B 300 -24.44 20.30 17.45
N LEU B 301 -23.52 19.39 17.73
CA LEU B 301 -22.09 19.60 17.53
C LEU B 301 -21.65 18.93 16.24
N PHE B 302 -20.86 19.65 15.44
CA PHE B 302 -20.32 19.14 14.19
C PHE B 302 -18.84 19.48 14.13
N LEU B 303 -17.99 18.46 14.00
CA LEU B 303 -16.55 18.64 13.93
C LEU B 303 -16.10 18.73 12.48
N ALA B 304 -15.08 19.55 12.25
CA ALA B 304 -14.53 19.73 10.91
C ALA B 304 -13.05 20.03 11.01
N GLY B 305 -12.30 19.55 10.02
CA GLY B 305 -10.87 19.85 9.96
C GLY B 305 -10.06 19.08 11.00
N ASP B 306 -9.00 19.74 11.46
CA ASP B 306 -8.07 19.09 12.40
C ASP B 306 -8.73 18.76 13.73
N ALA B 307 -9.87 19.38 14.04
CA ALA B 307 -10.59 19.02 15.26
C ALA B 307 -11.02 17.57 15.24
N ALA B 308 -11.33 17.03 14.07
CA ALA B 308 -11.74 15.64 13.94
C ALA B 308 -10.66 14.73 13.38
N HIS B 309 -9.73 15.25 12.59
CA HIS B 309 -8.77 14.40 11.89
C HIS B 309 -7.54 15.20 11.49
N ILE B 310 -6.36 14.63 11.73
CA ILE B 310 -5.10 15.19 11.24
C ILE B 310 -4.35 14.08 10.52
N VAL B 311 -3.53 14.49 9.55
CA VAL B 311 -2.70 13.55 8.79
C VAL B 311 -1.26 14.07 8.80
N PRO B 312 -0.31 13.20 8.51
CA PRO B 312 1.05 13.68 8.21
C PRO B 312 1.04 14.47 6.92
N PRO B 313 1.75 15.60 6.87
CA PRO B 313 1.63 16.50 5.71
C PRO B 313 2.29 15.98 4.43
N THR B 314 2.64 14.69 4.39
CA THR B 314 3.34 14.15 3.22
C THR B 314 2.55 14.37 1.95
N GLY B 315 1.23 14.21 2.01
CA GLY B 315 0.38 14.28 0.83
C GLY B 315 -0.41 15.56 0.65
N ALA B 316 -0.17 16.58 1.48
CA ALA B 316 -0.86 17.87 1.39
C ALA B 316 -2.37 17.67 1.41
N LYS B 317 -2.85 17.20 2.56
CA LYS B 317 -4.23 16.75 2.68
C LYS B 317 -5.00 17.37 3.84
N GLY B 318 -4.33 17.93 4.85
CA GLY B 318 -5.00 18.45 6.03
C GLY B 318 -5.99 19.57 5.75
N LEU B 319 -5.50 20.68 5.19
CA LEU B 319 -6.39 21.78 4.86
C LEU B 319 -7.44 21.37 3.85
N ASN B 320 -7.04 20.63 2.81
CA ASN B 320 -7.99 20.17 1.80
C ASN B 320 -9.07 19.28 2.42
N SER B 321 -8.71 18.49 3.42
CA SER B 321 -9.73 17.72 4.14
C SER B 321 -10.63 18.65 4.96
N ALA B 322 -10.04 19.67 5.58
CA ALA B 322 -10.84 20.64 6.32
C ALA B 322 -11.82 21.35 5.40
N MET B 323 -11.36 21.73 4.20
CA MET B 323 -12.26 22.36 3.23
C MET B 323 -13.30 21.38 2.72
N ALA B 324 -12.97 20.08 2.67
CA ALA B 324 -13.95 19.09 2.26
C ALA B 324 -15.04 18.94 3.32
N ASP B 325 -14.64 18.97 4.60
CA ASP B 325 -15.63 18.91 5.68
C ASP B 325 -16.53 20.14 5.68
N ILE B 326 -15.96 21.32 5.43
CA ILE B 326 -16.75 22.54 5.45
C ILE B 326 -17.71 22.57 4.28
N LYS B 327 -17.29 22.09 3.11
CA LYS B 327 -18.18 22.07 1.95
C LYS B 327 -19.40 21.21 2.22
N VAL B 328 -19.23 20.10 2.92
CA VAL B 328 -20.37 19.26 3.27
C VAL B 328 -21.17 19.89 4.40
N LEU B 329 -20.48 20.47 5.39
CA LEU B 329 -21.19 21.08 6.52
C LEU B 329 -21.95 22.33 6.09
N ALA B 330 -21.36 23.15 5.23
CA ALA B 330 -22.05 24.35 4.76
C ALA B 330 -23.27 23.99 3.93
N ALA B 331 -23.18 22.92 3.12
CA ALA B 331 -24.32 22.52 2.32
C ALA B 331 -25.44 21.95 3.18
N ALA B 332 -25.08 21.15 4.20
CA ALA B 332 -26.10 20.58 5.08
C ALA B 332 -26.78 21.66 5.90
N LEU B 333 -26.01 22.66 6.36
CA LEU B 333 -26.61 23.75 7.12
C LEU B 333 -27.52 24.61 6.24
N VAL B 334 -27.08 24.91 5.01
CA VAL B 334 -27.93 25.65 4.09
C VAL B 334 -29.19 24.85 3.76
N ASP B 335 -29.05 23.54 3.61
CA ASP B 335 -30.22 22.69 3.36
C ASP B 335 -31.17 22.69 4.55
N HIS B 336 -30.64 22.91 5.77
CA HIS B 336 -31.48 22.92 6.96
C HIS B 336 -32.24 24.24 7.10
N TYR B 337 -31.54 25.37 6.99
CA TYR B 337 -32.15 26.67 7.21
C TYR B 337 -32.99 27.15 6.04
N ARG B 338 -32.78 26.60 4.84
CA ARG B 338 -33.49 27.06 3.64
C ARG B 338 -34.60 26.14 3.19
N HIS B 339 -34.44 24.82 3.35
CA HIS B 339 -35.46 23.87 2.92
C HIS B 339 -36.01 23.02 4.05
N GLY B 340 -35.60 23.27 5.30
CA GLY B 340 -36.15 22.57 6.43
C GLY B 340 -35.86 21.09 6.48
N ARG B 341 -34.82 20.63 5.78
CA ARG B 341 -34.45 19.22 5.77
C ARG B 341 -33.13 19.05 6.52
N SER B 342 -33.14 18.18 7.52
CA SER B 342 -31.94 17.83 8.27
C SER B 342 -31.35 16.50 7.82
N ASP B 343 -31.72 16.04 6.62
CA ASP B 343 -31.21 14.76 6.12
C ASP B 343 -29.71 14.83 5.84
N ARG B 344 -29.24 15.96 5.29
CA ARG B 344 -27.81 16.09 5.01
C ARG B 344 -27.01 16.30 6.28
N LEU B 345 -27.58 16.97 7.28
CA LEU B 345 -26.91 17.09 8.57
C LEU B 345 -26.77 15.73 9.24
N ALA B 346 -27.79 14.89 9.11
CA ALA B 346 -27.73 13.56 9.72
C ALA B 346 -26.67 12.67 9.08
N THR B 347 -26.32 12.94 7.83
CA THR B 347 -25.33 12.15 7.11
C THR B 347 -23.97 12.84 7.00
N TYR B 348 -23.79 13.95 7.73
CA TYR B 348 -22.53 14.70 7.65
C TYR B 348 -21.34 13.83 8.03
N SER B 349 -21.38 13.22 9.22
CA SER B 349 -20.28 12.37 9.65
C SER B 349 -20.12 11.16 8.72
N GLU B 350 -21.24 10.60 8.27
CA GLU B 350 -21.19 9.44 7.39
C GLU B 350 -20.39 9.71 6.13
N ARG B 351 -20.67 10.84 5.47
CA ARG B 351 -20.00 11.15 4.21
C ARG B 351 -18.58 11.65 4.42
N CYS B 352 -18.36 12.48 5.45
CA CYS B 352 -17.02 13.02 5.68
C CYS B 352 -16.03 11.92 6.05
N LEU B 353 -16.44 11.00 6.91
CA LEU B 353 -15.56 9.91 7.30
C LEU B 353 -15.27 8.98 6.13
N ARG B 354 -16.18 8.89 5.16
CA ARG B 354 -15.96 8.06 3.98
C ARG B 354 -14.77 8.56 3.17
N ARG B 355 -14.74 9.87 2.89
CA ARG B 355 -13.63 10.45 2.15
C ARG B 355 -12.37 10.52 3.01
N MET B 356 -12.53 10.79 4.30
CA MET B 356 -11.36 11.03 5.15
C MET B 356 -10.55 9.76 5.36
N TRP B 357 -11.21 8.61 5.45
CA TRP B 357 -10.45 7.37 5.63
C TRP B 357 -9.64 7.01 4.39
N LEU B 358 -10.15 7.36 3.20
CA LEU B 358 -9.34 7.21 2.00
C LEU B 358 -8.21 8.23 1.97
N VAL B 359 -8.45 9.43 2.51
CA VAL B 359 -7.38 10.43 2.59
C VAL B 359 -6.34 10.01 3.62
N GLN B 360 -6.79 9.46 4.75
CA GLN B 360 -5.85 8.89 5.73
C GLN B 360 -5.03 7.78 5.10
N ARG B 361 -5.67 6.93 4.29
CA ARG B 361 -4.96 5.84 3.63
C ARG B 361 -3.87 6.37 2.72
N PHE B 362 -4.19 7.38 1.93
CA PHE B 362 -3.20 7.92 0.98
C PHE B 362 -2.09 8.66 1.71
N SER B 363 -2.43 9.39 2.77
CA SER B 363 -1.40 10.11 3.53
C SER B 363 -0.47 9.15 4.24
N ALA B 364 -1.01 8.08 4.83
CA ALA B 364 -0.17 7.09 5.49
C ALA B 364 0.71 6.35 4.49
N ALA B 365 0.15 6.00 3.32
CA ALA B 365 0.89 5.23 2.34
C ALA B 365 2.11 6.00 1.84
N LEU B 366 1.93 7.27 1.50
CA LEU B 366 3.07 8.10 1.10
C LEU B 366 4.07 8.23 2.25
N THR B 367 3.57 8.46 3.46
CA THR B 367 4.46 8.67 4.60
C THR B 367 5.31 7.43 4.88
N THR B 368 4.69 6.25 4.88
CA THR B 368 5.44 5.02 5.16
C THR B 368 6.32 4.60 3.99
N MET B 369 6.19 5.24 2.84
CA MET B 369 7.01 4.93 1.66
C MET B 369 8.25 5.81 1.55
N VAL B 370 8.14 7.11 1.85
CA VAL B 370 9.19 8.06 1.50
C VAL B 370 10.11 8.41 2.67
N HIS B 371 9.73 8.09 3.90
CA HIS B 371 10.57 8.34 5.06
C HIS B 371 11.31 7.07 5.48
N GLN B 372 12.44 7.25 6.14
CA GLN B 372 13.22 6.15 6.68
C GLN B 372 12.78 5.87 8.10
N PHE B 373 12.50 4.60 8.40
CA PHE B 373 12.04 4.20 9.72
C PHE B 373 13.18 3.51 10.45
N PRO B 374 13.64 4.07 11.58
CA PRO B 374 14.82 3.50 12.25
C PRO B 374 14.56 2.09 12.75
N GLY B 375 15.51 1.19 12.49
CA GLY B 375 15.39 -0.18 12.92
C GLY B 375 14.31 -0.97 12.21
N GLN B 376 13.85 -0.49 11.06
CA GLN B 376 12.79 -1.18 10.33
C GLN B 376 13.26 -2.52 9.81
N ASN B 377 12.34 -3.48 9.78
CA ASN B 377 12.59 -4.76 9.11
C ASN B 377 13.12 -4.52 7.70
N GLU B 378 14.19 -5.24 7.36
CA GLU B 378 14.89 -4.98 6.10
C GLU B 378 13.99 -5.24 4.89
N PHE B 379 13.16 -6.28 4.96
CA PHE B 379 12.25 -6.56 3.85
C PHE B 379 11.26 -5.42 3.66
N VAL B 380 10.65 -4.96 4.75
CA VAL B 380 9.70 -3.85 4.68
C VAL B 380 10.38 -2.60 4.16
N ARG B 381 11.61 -2.32 4.64
CA ARG B 381 12.33 -1.16 4.18
C ARG B 381 12.61 -1.22 2.68
N ARG B 382 13.02 -2.39 2.19
CA ARG B 382 13.26 -2.53 0.76
C ARG B 382 11.96 -2.43 -0.04
N LEU B 383 10.83 -2.76 0.57
CA LEU B 383 9.54 -2.58 -0.11
C LEU B 383 9.25 -1.12 -0.40
N GLN B 384 9.88 -0.19 0.32
CA GLN B 384 9.71 1.22 0.01
C GLN B 384 10.17 1.54 -1.40
N ARG B 385 11.31 0.99 -1.81
CA ARG B 385 11.77 1.17 -3.19
C ARG B 385 10.84 0.47 -4.16
N ALA B 386 10.35 -0.73 -3.80
CA ALA B 386 9.39 -1.42 -4.65
C ALA B 386 8.11 -0.61 -4.80
N ASP B 387 7.63 0.00 -3.71
CA ASP B 387 6.46 0.87 -3.81
C ASP B 387 6.76 2.10 -4.66
N LEU B 388 7.96 2.66 -4.53
CA LEU B 388 8.34 3.81 -5.34
C LEU B 388 8.46 3.43 -6.81
N ASP B 389 9.03 2.26 -7.09
CA ASP B 389 9.16 1.81 -8.48
C ASP B 389 7.78 1.59 -9.11
N TYR B 390 6.86 0.99 -8.37
CA TYR B 390 5.54 0.73 -8.94
C TYR B 390 4.74 2.01 -9.11
N MET B 391 4.80 2.91 -8.12
CA MET B 391 3.98 4.12 -8.18
C MET B 391 4.38 5.01 -9.35
N THR B 392 5.68 5.11 -9.62
CA THR B 392 6.15 5.95 -10.71
C THR B 392 6.32 5.19 -12.03
N GLY B 393 6.47 3.87 -11.99
CA GLY B 393 6.85 3.13 -13.17
C GLY B 393 5.73 2.41 -13.90
N THR B 394 4.52 2.44 -13.35
CA THR B 394 3.38 1.78 -13.95
C THR B 394 2.24 2.78 -14.12
N HIS B 395 1.42 2.54 -15.14
CA HIS B 395 0.23 3.36 -15.34
C HIS B 395 -0.73 3.23 -14.18
N ALA B 396 -0.90 2.02 -13.65
CA ALA B 396 -1.78 1.82 -12.51
C ALA B 396 -1.26 2.55 -11.27
N GLY B 397 0.06 2.56 -11.08
CA GLY B 397 0.62 3.26 -9.94
C GLY B 397 0.47 4.76 -10.06
N ARG B 398 0.76 5.32 -11.24
CA ARG B 398 0.62 6.75 -11.43
C ARG B 398 -0.83 7.19 -11.31
N LEU B 399 -1.75 6.41 -11.90
CA LEU B 399 -3.17 6.77 -11.87
C LEU B 399 -3.67 6.92 -10.43
N GLN B 400 -3.31 5.98 -9.55
CA GLN B 400 -3.77 6.03 -8.18
C GLN B 400 -3.20 7.23 -7.43
N PHE B 401 -1.91 7.53 -7.64
CA PHE B 401 -1.33 8.70 -7.00
C PHE B 401 -1.96 9.99 -7.52
N ALA B 402 -2.14 10.09 -8.84
CA ALA B 402 -2.67 11.32 -9.43
C ALA B 402 -4.06 11.64 -8.88
N GLU B 403 -4.98 10.68 -8.97
CA GLU B 403 -6.34 10.91 -8.50
C GLU B 403 -6.38 11.25 -7.01
N ASN B 404 -5.49 10.67 -6.21
CA ASN B 404 -5.49 10.92 -4.78
C ASN B 404 -4.84 12.26 -4.44
N PHE B 405 -3.69 12.56 -5.05
CA PHE B 405 -2.97 13.79 -4.74
C PHE B 405 -3.78 15.01 -5.17
N THR B 406 -4.35 14.98 -6.38
CA THR B 406 -5.12 16.11 -6.88
C THR B 406 -6.47 16.25 -6.19
N GLY B 407 -6.91 15.24 -5.44
CA GLY B 407 -8.13 15.36 -4.67
C GLY B 407 -9.21 14.37 -5.04
N LEU B 408 -9.65 13.59 -4.06
CA LEU B 408 -10.75 12.67 -4.26
C LEU B 408 -12.07 13.43 -4.31
N PRO B 409 -13.11 12.84 -4.93
CA PRO B 409 -14.43 13.47 -4.89
C PRO B 409 -14.90 13.67 -3.45
N ILE B 410 -15.69 14.71 -3.24
CA ILE B 410 -16.14 15.10 -1.91
C ILE B 410 -17.51 14.54 -1.59
N GLU B 411 -18.45 14.63 -2.52
CA GLU B 411 -19.81 14.11 -2.35
C GLU B 411 -20.47 14.66 -1.08
#